data_3FHT
#
_entry.id   3FHT
#
_cell.length_a   41.600
_cell.length_b   79.660
_cell.length_c   124.540
_cell.angle_alpha   90.000
_cell.angle_beta   90.020
_cell.angle_gamma   90.000
#
_symmetry.space_group_name_H-M   'P 1 21 1'
#
loop_
_entity.id
_entity.type
_entity.pdbx_description
1 polymer 'ATP-dependent RNA helicase DDX19B'
2 polymer "RNA (5'-R(*UP*UP*UP*UP*UP*UP*UP*UP*UP*U)-3')"
3 non-polymer 'MAGNESIUM ION'
4 non-polymer GLYCEROL
5 non-polymer 'PHOSPHOAMINOPHOSPHONIC ACID-ADENYLATE ESTER'
6 water water
#
loop_
_entity_poly.entity_id
_entity_poly.type
_entity_poly.pdbx_seq_one_letter_code
_entity_poly.pdbx_strand_id
1 'polypeptide(L)'
;SNLVDNTNQVEVLQRDPNSPLYSVKSFEELRLKPQLLQGVYAMGFNRPSKIQENALPLMLAEPPQNLIAQSQSGTGKTAA
FVLAMLSQVEPANKYPQCLCLSPTYELALQTGKVIEQMGKFYPELKLAYAVRGNKLERGQKISEQIVIGTPGTVLDWCSK
LKFIDPKKIKVFVLDEADVMIATQGHQDQSIRIQRMLPRNCQMLLFSATFEDSVWKFAQKVVPDPNVIKLKREEETLDTI
KQYYVLCSSRDEKFQALCNLYGAITIAQAMIFCHTRKTASWLAAELSKEGHQVALLSGEMMVEQRAAVIERFREGKEKVL
VTTNVCARGIDVEQVSVVINFDLPVDKDGNPDNETYLHRIGRTGRFGKRGLAVNMVDSKHSMNILNRIQEHFNKKIERLD
TDDLDEIEKIAN
;
A,B
2 'polyribonucleotide' UUUUUUUUUU C,D
#
# COMPACT_ATOMS: atom_id res chain seq x y z
N ASN A 8 -28.98 23.67 12.30
CA ASN A 8 -28.78 24.56 13.51
C ASN A 8 -27.68 24.01 14.47
N GLN A 9 -27.95 22.86 15.08
CA GLN A 9 -26.84 22.14 15.73
C GLN A 9 -25.89 21.64 14.70
N VAL A 10 -26.43 21.22 13.55
CA VAL A 10 -25.63 20.76 12.40
C VAL A 10 -24.73 21.90 11.92
N GLU A 11 -25.29 23.07 11.68
CA GLU A 11 -24.52 24.25 11.26
C GLU A 11 -23.32 24.58 12.21
N VAL A 12 -23.56 24.59 13.52
CA VAL A 12 -22.49 24.77 14.52
C VAL A 12 -21.51 23.62 14.47
N LEU A 13 -22.00 22.38 14.43
CA LEU A 13 -21.05 21.25 14.49
C LEU A 13 -20.18 21.21 13.26
N GLN A 14 -20.73 21.62 12.12
CA GLN A 14 -19.91 21.54 10.90
C GLN A 14 -18.91 22.67 10.88
N ARG A 15 -18.93 23.55 11.86
CA ARG A 15 -17.90 24.59 11.95
C ARG A 15 -16.84 24.19 12.96
N ASP A 16 -17.08 23.11 13.70
CA ASP A 16 -16.17 22.72 14.79
C ASP A 16 -15.15 21.64 14.32
N PRO A 17 -13.84 21.95 14.32
CA PRO A 17 -12.88 20.99 13.77
C PRO A 17 -12.74 19.68 14.56
N ASN A 18 -13.20 19.66 15.80
CA ASN A 18 -13.24 18.45 16.60
C ASN A 18 -14.40 17.51 16.21
N SER A 19 -15.34 17.95 15.39
CA SER A 19 -16.50 17.10 15.15
C SER A 19 -16.26 16.16 13.96
N PRO A 20 -16.76 14.90 14.02
CA PRO A 20 -16.78 14.12 12.76
C PRO A 20 -17.70 14.71 11.66
N LEU A 21 -18.49 15.75 11.97
CA LEU A 21 -19.36 16.32 10.93
C LEU A 21 -18.65 17.43 10.20
N TYR A 22 -17.45 17.77 10.63
CA TYR A 22 -16.73 18.92 10.06
C TYR A 22 -15.93 18.52 8.81
N SER A 23 -15.97 19.38 7.81
N SER A 23 -15.97 19.34 7.78
CA SER A 23 -15.17 19.20 6.59
CA SER A 23 -15.10 19.12 6.63
C SER A 23 -14.40 20.47 6.31
C SER A 23 -14.42 20.41 6.23
N VAL A 24 -13.15 20.32 5.90
CA VAL A 24 -12.36 21.46 5.42
C VAL A 24 -12.90 21.94 4.08
N LYS A 25 -13.38 21.02 3.26
CA LYS A 25 -13.78 21.34 1.90
C LYS A 25 -15.28 21.28 1.77
N SER A 26 -15.82 22.05 0.83
CA SER A 26 -17.26 21.98 0.47
C SER A 26 -17.54 20.91 -0.59
N PHE A 27 -18.83 20.62 -0.85
CA PHE A 27 -19.12 19.71 -1.91
C PHE A 27 -18.53 20.14 -3.26
N GLU A 28 -18.59 21.45 -3.56
CA GLU A 28 -18.03 22.00 -4.79
C GLU A 28 -16.55 21.68 -4.94
N GLU A 29 -15.83 21.72 -3.81
CA GLU A 29 -14.39 21.45 -3.82
C GLU A 29 -14.07 19.96 -3.94
N LEU A 30 -15.04 19.09 -3.80
CA LEU A 30 -14.79 17.65 -3.94
C LEU A 30 -14.84 17.21 -5.39
N ARG A 31 -15.29 18.10 -6.25
CA ARG A 31 -15.31 17.87 -7.70
C ARG A 31 -16.20 16.69 -8.12
N LEU A 32 -17.39 16.61 -7.55
CA LEU A 32 -18.39 15.65 -8.00
C LEU A 32 -18.97 16.04 -9.35
N LYS A 33 -19.35 15.05 -10.16
CA LYS A 33 -20.18 15.31 -11.36
C LYS A 33 -21.41 16.17 -11.05
N PRO A 34 -21.78 17.08 -11.96
CA PRO A 34 -22.86 18.06 -11.68
C PRO A 34 -24.19 17.42 -11.32
N GLN A 35 -24.65 16.42 -12.05
CA GLN A 35 -25.81 15.63 -11.58
C GLN A 35 -25.71 15.05 -10.16
N LEU A 36 -24.51 14.73 -9.69
CA LEU A 36 -24.34 14.32 -8.27
C LEU A 36 -24.38 15.48 -7.31
N LEU A 37 -23.80 16.62 -7.66
CA LEU A 37 -24.00 17.77 -6.79
C LEU A 37 -25.48 18.14 -6.70
N GLN A 38 -26.21 18.03 -7.80
CA GLN A 38 -27.66 18.26 -7.77
C GLN A 38 -28.36 17.32 -6.82
N GLY A 39 -27.96 16.03 -6.84
CA GLY A 39 -28.59 15.04 -5.98
C GLY A 39 -28.30 15.37 -4.53
N VAL A 40 -27.08 15.86 -4.26
CA VAL A 40 -26.63 16.14 -2.90
C VAL A 40 -27.42 17.33 -2.29
N TYR A 41 -27.42 18.45 -3.00
CA TYR A 41 -28.13 19.65 -2.56
C TYR A 41 -29.66 19.46 -2.49
N ALA A 42 -30.23 18.69 -3.43
CA ALA A 42 -31.64 18.29 -3.35
C ALA A 42 -32.00 17.46 -2.11
N MET A 43 -31.06 16.66 -1.62
CA MET A 43 -31.17 15.91 -0.38
C MET A 43 -31.21 16.85 0.79
N GLY A 44 -30.78 18.07 0.60
CA GLY A 44 -30.73 19.02 1.71
C GLY A 44 -29.38 19.11 2.37
N PHE A 45 -28.32 18.54 1.75
CA PHE A 45 -27.00 18.58 2.38
C PHE A 45 -26.42 19.95 2.08
N ASN A 46 -25.67 20.55 3.03
CA ASN A 46 -24.95 21.78 2.81
C ASN A 46 -23.42 21.62 2.74
N ARG A 47 -22.84 20.80 3.64
CA ARG A 47 -21.41 20.53 3.70
C ARG A 47 -21.13 19.07 3.97
N PRO A 48 -20.02 18.52 3.43
CA PRO A 48 -19.64 17.09 3.65
C PRO A 48 -19.41 16.83 5.14
N SER A 49 -19.64 15.62 5.62
CA SER A 49 -19.08 15.29 6.93
C SER A 49 -17.63 14.91 6.69
N LYS A 50 -16.91 14.62 7.76
CA LYS A 50 -15.48 14.26 7.63
C LYS A 50 -15.18 13.00 6.75
N ILE A 51 -15.92 11.92 7.02
CA ILE A 51 -15.78 10.67 6.26
C ILE A 51 -16.08 10.86 4.75
N GLN A 52 -17.12 11.64 4.45
CA GLN A 52 -17.40 12.04 3.07
C GLN A 52 -16.20 12.78 2.44
N GLU A 53 -15.66 13.81 3.09
CA GLU A 53 -14.55 14.52 2.48
C GLU A 53 -13.25 13.74 2.44
N ASN A 54 -13.06 12.79 3.36
CA ASN A 54 -11.86 11.94 3.35
C ASN A 54 -11.95 10.73 2.41
N ALA A 55 -13.12 10.13 2.32
CA ALA A 55 -13.29 8.93 1.49
C ALA A 55 -13.49 9.22 0.00
N LEU A 56 -14.23 10.27 -0.32
CA LEU A 56 -14.58 10.56 -1.72
C LEU A 56 -13.36 10.69 -2.63
N PRO A 57 -12.34 11.47 -2.21
CA PRO A 57 -11.18 11.54 -3.10
C PRO A 57 -10.49 10.16 -3.26
N LEU A 58 -10.34 9.37 -2.20
CA LEU A 58 -9.79 8.04 -2.42
C LEU A 58 -10.62 7.19 -3.40
N MET A 59 -11.94 7.27 -3.32
CA MET A 59 -12.79 6.41 -4.10
C MET A 59 -12.91 6.85 -5.57
N LEU A 60 -12.73 8.14 -5.81
CA LEU A 60 -12.82 8.75 -7.14
C LEU A 60 -11.46 8.97 -7.84
N ALA A 61 -10.40 8.59 -7.20
CA ALA A 61 -9.11 8.62 -7.83
C ALA A 61 -9.11 7.64 -8.99
N GLU A 62 -8.37 7.96 -10.03
CA GLU A 62 -8.21 7.07 -11.16
C GLU A 62 -6.77 6.65 -11.14
N PRO A 63 -6.47 5.38 -11.21
CA PRO A 63 -7.40 4.27 -11.25
C PRO A 63 -8.13 4.12 -9.94
N PRO A 64 -9.33 3.55 -9.94
CA PRO A 64 -10.12 3.46 -8.72
C PRO A 64 -9.41 2.66 -7.65
N GLN A 65 -9.58 3.03 -6.41
CA GLN A 65 -8.89 2.34 -5.32
C GLN A 65 -9.83 1.70 -4.30
N ASN A 66 -9.36 0.62 -3.68
CA ASN A 66 -10.12 -0.09 -2.71
C ASN A 66 -10.00 0.61 -1.39
N LEU A 67 -11.02 0.47 -0.58
CA LEU A 67 -11.10 1.26 0.66
C LEU A 67 -11.80 0.42 1.74
N ILE A 68 -11.23 0.42 2.93
CA ILE A 68 -11.85 -0.08 4.11
C ILE A 68 -11.93 1.11 5.05
N ALA A 69 -13.13 1.59 5.35
CA ALA A 69 -13.25 2.82 6.13
C ALA A 69 -14.26 2.71 7.27
N GLN A 70 -13.88 3.39 8.34
CA GLN A 70 -14.61 3.39 9.59
C GLN A 70 -14.97 4.83 9.92
N SER A 71 -16.20 5.01 10.37
CA SER A 71 -16.68 6.29 10.81
C SER A 71 -17.85 6.10 11.77
N GLN A 72 -18.01 7.04 12.68
CA GLN A 72 -19.01 6.86 13.73
C GLN A 72 -20.45 6.70 13.23
N SER A 73 -21.34 6.17 14.06
CA SER A 73 -22.75 6.13 13.69
C SER A 73 -23.31 7.49 13.34
N GLY A 74 -24.09 7.50 12.27
CA GLY A 74 -24.83 8.69 11.86
C GLY A 74 -23.94 9.80 11.28
N THR A 75 -22.77 9.45 10.73
CA THR A 75 -21.89 10.44 10.13
C THR A 75 -21.98 10.54 8.59
N GLY A 76 -22.95 9.89 7.99
CA GLY A 76 -23.06 9.98 6.58
C GLY A 76 -22.28 8.96 5.74
N LYS A 77 -21.97 7.77 6.27
CA LYS A 77 -21.27 6.75 5.43
C LYS A 77 -22.09 6.40 4.17
N THR A 78 -23.39 6.23 4.30
CA THR A 78 -24.23 5.90 3.11
C THR A 78 -24.03 6.80 1.90
N ALA A 79 -24.05 8.11 2.11
CA ALA A 79 -24.02 8.99 0.93
C ALA A 79 -22.58 8.93 0.41
N ALA A 80 -21.62 8.64 1.24
CA ALA A 80 -20.27 8.58 0.74
C ALA A 80 -20.16 7.45 -0.28
N PHE A 81 -20.63 6.26 0.06
CA PHE A 81 -20.62 5.12 -0.84
C PHE A 81 -21.55 5.17 -2.05
N VAL A 82 -22.75 5.66 -1.83
CA VAL A 82 -23.68 5.92 -2.93
C VAL A 82 -23.10 6.85 -3.97
N LEU A 83 -22.57 8.00 -3.55
CA LEU A 83 -21.87 8.86 -4.51
C LEU A 83 -20.76 8.15 -5.29
N ALA A 84 -20.04 7.25 -4.66
CA ALA A 84 -18.94 6.57 -5.37
C ALA A 84 -19.51 5.63 -6.39
N MET A 85 -20.58 4.92 -6.00
CA MET A 85 -21.27 4.05 -6.96
C MET A 85 -21.80 4.88 -8.12
N LEU A 86 -22.46 5.97 -7.80
CA LEU A 86 -23.12 6.72 -8.88
C LEU A 86 -22.12 7.36 -9.82
N SER A 87 -20.94 7.72 -9.32
CA SER A 87 -19.86 8.32 -10.15
C SER A 87 -19.29 7.36 -11.17
N GLN A 88 -19.29 6.08 -10.83
CA GLN A 88 -18.72 5.07 -11.72
C GLN A 88 -19.68 4.50 -12.77
N VAL A 89 -20.98 4.53 -12.52
CA VAL A 89 -21.98 3.91 -13.42
C VAL A 89 -22.03 4.56 -14.81
N GLU A 90 -22.24 3.78 -15.86
CA GLU A 90 -22.52 4.36 -17.20
C GLU A 90 -23.97 4.11 -17.57
N PRO A 91 -24.86 5.09 -17.34
CA PRO A 91 -26.29 4.89 -17.50
C PRO A 91 -26.67 4.40 -18.91
N ALA A 92 -25.78 4.59 -19.88
CA ALA A 92 -26.00 3.99 -21.20
C ALA A 92 -25.93 2.46 -21.21
N ASN A 93 -25.12 1.81 -20.38
CA ASN A 93 -25.07 0.36 -20.44
C ASN A 93 -26.13 -0.24 -19.55
N LYS A 94 -27.11 -0.89 -20.17
CA LYS A 94 -28.22 -1.43 -19.42
C LYS A 94 -27.99 -2.79 -18.81
N TYR A 95 -27.09 -2.83 -17.86
CA TYR A 95 -26.87 -4.04 -17.05
C TYR A 95 -26.22 -3.68 -15.76
N PRO A 96 -26.28 -4.55 -14.77
CA PRO A 96 -25.74 -4.18 -13.47
C PRO A 96 -24.25 -3.90 -13.58
N GLN A 97 -23.85 -2.77 -12.99
CA GLN A 97 -22.45 -2.38 -12.92
C GLN A 97 -21.98 -2.18 -11.51
N CYS A 98 -22.96 -1.94 -10.64
CA CYS A 98 -22.75 -1.73 -9.24
C CYS A 98 -23.62 -2.59 -8.39
N LEU A 99 -22.99 -3.16 -7.38
CA LEU A 99 -23.61 -4.05 -6.45
C LEU A 99 -23.31 -3.62 -5.01
N CYS A 100 -24.37 -3.41 -4.23
CA CYS A 100 -24.25 -3.00 -2.85
C CYS A 100 -24.93 -4.07 -2.01
N LEU A 101 -24.20 -4.65 -1.04
CA LEU A 101 -24.82 -5.63 -0.14
C LEU A 101 -25.10 -5.06 1.22
N SER A 102 -26.29 -5.37 1.72
CA SER A 102 -26.70 -5.04 3.08
C SER A 102 -26.97 -6.31 3.91
N PRO A 103 -26.75 -6.27 5.25
CA PRO A 103 -27.09 -7.46 6.06
C PRO A 103 -28.57 -7.74 6.30
N THR A 104 -29.47 -6.78 6.07
CA THR A 104 -30.86 -7.05 6.37
C THR A 104 -31.81 -6.45 5.34
N TYR A 105 -32.98 -7.08 5.23
CA TYR A 105 -34.03 -6.57 4.37
C TYR A 105 -34.34 -5.06 4.49
N GLU A 106 -34.64 -4.56 5.70
CA GLU A 106 -35.07 -3.14 5.83
C GLU A 106 -33.91 -2.18 5.49
N LEU A 107 -32.69 -2.63 5.71
CA LEU A 107 -31.53 -1.77 5.46
C LEU A 107 -31.28 -1.66 3.96
N ALA A 108 -31.40 -2.79 3.26
CA ALA A 108 -31.40 -2.78 1.79
C ALA A 108 -32.52 -1.82 1.22
N LEU A 109 -33.73 -1.87 1.79
CA LEU A 109 -34.80 -1.00 1.31
C LEU A 109 -34.45 0.46 1.58
N GLN A 110 -33.94 0.76 2.78
CA GLN A 110 -33.61 2.09 3.13
C GLN A 110 -32.51 2.66 2.22
N THR A 111 -31.41 1.96 2.08
CA THR A 111 -30.33 2.41 1.20
C THR A 111 -30.72 2.56 -0.22
N GLY A 112 -31.57 1.64 -0.69
CA GLY A 112 -32.03 1.74 -2.04
C GLY A 112 -32.73 3.07 -2.25
N LYS A 113 -33.48 3.51 -1.25
CA LYS A 113 -34.20 4.75 -1.38
C LYS A 113 -33.21 5.91 -1.53
N VAL A 114 -32.13 5.85 -0.77
CA VAL A 114 -31.09 6.85 -0.90
C VAL A 114 -30.45 6.89 -2.28
N ILE A 115 -30.21 5.71 -2.86
CA ILE A 115 -29.68 5.60 -4.21
C ILE A 115 -30.59 6.25 -5.23
N GLU A 116 -31.88 5.87 -5.19
CA GLU A 116 -32.88 6.48 -6.07
C GLU A 116 -32.85 8.04 -5.96
N GLN A 117 -32.84 8.58 -4.74
CA GLN A 117 -32.91 10.01 -4.52
C GLN A 117 -31.64 10.73 -4.98
N MET A 118 -30.47 10.17 -4.67
CA MET A 118 -29.23 10.83 -5.07
C MET A 118 -28.96 10.67 -6.53
N GLY A 119 -29.42 9.60 -7.14
CA GLY A 119 -29.22 9.41 -8.56
C GLY A 119 -30.39 9.90 -9.43
N LYS A 120 -31.29 10.68 -8.85
CA LYS A 120 -32.51 11.03 -9.62
C LYS A 120 -32.29 12.02 -10.76
N PHE A 121 -31.15 12.70 -10.79
CA PHE A 121 -30.89 13.61 -11.89
C PHE A 121 -30.11 12.96 -13.05
N TYR A 122 -30.12 11.62 -13.09
CA TYR A 122 -29.70 10.78 -14.20
C TYR A 122 -30.94 10.05 -14.57
N PRO A 123 -31.79 10.69 -15.38
CA PRO A 123 -33.08 10.16 -15.72
C PRO A 123 -33.00 8.70 -16.16
N GLU A 124 -31.88 8.29 -16.78
CA GLU A 124 -31.75 6.94 -17.29
C GLU A 124 -31.39 5.86 -16.25
N LEU A 125 -30.89 6.27 -15.10
CA LEU A 125 -30.36 5.32 -14.12
C LEU A 125 -31.48 4.63 -13.36
N LYS A 126 -31.44 3.31 -13.27
CA LYS A 126 -32.50 2.59 -12.59
C LYS A 126 -31.95 1.59 -11.61
N LEU A 127 -32.72 1.24 -10.59
CA LEU A 127 -32.21 0.41 -9.51
C LEU A 127 -32.98 -0.92 -9.40
N ALA A 128 -32.27 -2.05 -9.33
CA ALA A 128 -32.90 -3.31 -8.98
C ALA A 128 -32.76 -3.72 -7.49
N TYR A 129 -33.83 -4.27 -6.89
CA TYR A 129 -33.77 -4.76 -5.52
C TYR A 129 -33.65 -6.32 -5.45
N ALA A 130 -32.46 -6.78 -5.10
CA ALA A 130 -32.22 -8.22 -4.97
C ALA A 130 -32.54 -8.58 -3.53
N VAL A 131 -33.83 -8.54 -3.21
CA VAL A 131 -34.35 -8.84 -1.87
C VAL A 131 -35.41 -9.93 -1.95
N ARG A 132 -35.68 -10.58 -0.84
CA ARG A 132 -36.77 -11.54 -0.74
C ARG A 132 -38.13 -10.99 -1.13
N GLY A 133 -38.94 -11.84 -1.72
CA GLY A 133 -40.25 -11.46 -2.25
C GLY A 133 -40.14 -10.74 -3.59
N ASN A 134 -38.97 -10.77 -4.21
CA ASN A 134 -38.77 -10.01 -5.44
C ASN A 134 -38.41 -10.95 -6.60
N LYS A 135 -39.41 -11.46 -7.30
CA LYS A 135 -39.18 -12.47 -8.33
C LYS A 135 -39.33 -12.11 -9.81
N LEU A 136 -38.38 -12.59 -10.61
CA LEU A 136 -38.37 -12.39 -12.06
C LEU A 136 -38.41 -13.75 -12.78
N GLU A 137 -39.28 -13.86 -13.78
CA GLU A 137 -39.46 -15.09 -14.55
C GLU A 137 -38.11 -15.57 -15.07
N ARG A 138 -37.99 -16.88 -15.25
CA ARG A 138 -36.75 -17.47 -15.73
C ARG A 138 -36.44 -16.99 -17.15
N GLY A 139 -35.15 -16.85 -17.46
CA GLY A 139 -34.74 -16.36 -18.76
C GLY A 139 -34.72 -14.84 -18.85
N GLN A 140 -34.88 -14.19 -17.70
CA GLN A 140 -34.86 -12.73 -17.64
C GLN A 140 -33.55 -12.25 -17.01
N LYS A 141 -32.89 -11.33 -17.70
CA LYS A 141 -31.62 -10.84 -17.26
C LYS A 141 -31.99 -9.43 -16.85
N ILE A 142 -31.31 -8.91 -15.85
CA ILE A 142 -31.77 -7.66 -15.24
C ILE A 142 -31.19 -6.45 -15.95
N SER A 143 -32.03 -5.46 -16.13
CA SER A 143 -31.71 -4.34 -16.98
C SER A 143 -31.07 -3.16 -16.26
N GLU A 144 -31.40 -3.00 -14.98
CA GLU A 144 -30.93 -1.85 -14.24
C GLU A 144 -29.43 -1.88 -14.01
N GLN A 145 -28.86 -0.69 -13.91
CA GLN A 145 -27.42 -0.53 -13.79
C GLN A 145 -26.90 -0.70 -12.37
N ILE A 146 -27.79 -0.57 -11.37
CA ILE A 146 -27.34 -0.66 -9.96
C ILE A 146 -28.20 -1.71 -9.29
N VAL A 147 -27.61 -2.49 -8.36
CA VAL A 147 -28.38 -3.49 -7.58
C VAL A 147 -28.05 -3.34 -6.12
N ILE A 148 -29.10 -3.34 -5.32
CA ILE A 148 -28.93 -3.36 -3.87
C ILE A 148 -29.62 -4.64 -3.45
N GLY A 149 -29.03 -5.36 -2.48
CA GLY A 149 -29.62 -6.63 -2.10
C GLY A 149 -29.07 -7.16 -0.80
N THR A 150 -29.70 -8.22 -0.32
CA THR A 150 -29.24 -8.99 0.80
C THR A 150 -28.54 -10.26 0.21
N PRO A 151 -27.61 -10.84 0.98
CA PRO A 151 -26.69 -11.84 0.41
C PRO A 151 -27.28 -13.11 -0.19
N GLY A 152 -28.29 -13.71 0.45
CA GLY A 152 -28.92 -14.95 -0.07
C GLY A 152 -29.39 -14.67 -1.48
N THR A 153 -30.25 -13.65 -1.64
CA THR A 153 -30.94 -13.40 -2.91
C THR A 153 -29.94 -13.03 -3.99
N VAL A 154 -29.04 -12.10 -3.66
CA VAL A 154 -28.02 -11.71 -4.61
C VAL A 154 -27.23 -12.93 -5.09
N LEU A 155 -26.89 -13.82 -4.17
CA LEU A 155 -26.08 -14.97 -4.53
C LEU A 155 -26.88 -15.86 -5.48
N ASP A 156 -28.19 -15.99 -5.26
CA ASP A 156 -29.10 -16.65 -6.26
C ASP A 156 -29.15 -15.96 -7.62
N TRP A 157 -29.33 -14.64 -7.61
CA TRP A 157 -29.35 -13.83 -8.81
C TRP A 157 -28.09 -13.96 -9.67
N CYS A 158 -26.94 -14.00 -9.02
CA CYS A 158 -25.67 -14.16 -9.71
C CYS A 158 -25.41 -15.49 -10.45
N SER A 159 -25.75 -16.62 -9.83
CA SER A 159 -25.47 -17.92 -10.47
C SER A 159 -26.58 -18.94 -10.74
N LYS A 160 -27.33 -19.37 -9.75
CA LYS A 160 -28.34 -20.39 -10.02
C LYS A 160 -29.39 -19.91 -10.98
N LEU A 161 -29.90 -18.70 -10.78
CA LEU A 161 -30.90 -18.13 -11.64
C LEU A 161 -30.39 -17.29 -12.79
N LYS A 162 -29.14 -16.89 -12.70
CA LYS A 162 -28.50 -16.14 -13.75
C LYS A 162 -29.15 -14.83 -14.18
N PHE A 163 -29.73 -14.07 -13.25
CA PHE A 163 -30.31 -12.76 -13.57
C PHE A 163 -29.26 -11.65 -13.70
N ILE A 164 -28.07 -11.90 -13.20
CA ILE A 164 -26.99 -10.94 -13.18
C ILE A 164 -25.71 -11.62 -13.63
N ASP A 165 -24.94 -10.98 -14.53
CA ASP A 165 -23.56 -11.42 -14.77
C ASP A 165 -22.54 -10.72 -13.86
N PRO A 166 -22.02 -11.44 -12.86
CA PRO A 166 -21.16 -10.82 -11.84
C PRO A 166 -19.82 -10.33 -12.39
N LYS A 167 -19.38 -10.97 -13.47
CA LYS A 167 -18.20 -10.49 -14.19
C LYS A 167 -18.33 -9.10 -14.80
N LYS A 168 -19.54 -8.53 -14.91
CA LYS A 168 -19.62 -7.14 -15.38
C LYS A 168 -19.65 -6.07 -14.25
N ILE A 169 -19.69 -6.50 -13.01
CA ILE A 169 -19.76 -5.57 -11.88
C ILE A 169 -18.41 -4.85 -11.70
N LYS A 170 -18.45 -3.53 -11.63
CA LYS A 170 -17.21 -2.79 -11.52
C LYS A 170 -17.02 -2.09 -10.14
N VAL A 171 -18.07 -2.08 -9.31
CA VAL A 171 -18.01 -1.49 -7.93
C VAL A 171 -18.82 -2.40 -7.03
N PHE A 172 -18.21 -2.87 -5.96
CA PHE A 172 -18.92 -3.75 -5.07
C PHE A 172 -18.84 -3.11 -3.69
N VAL A 173 -19.99 -2.89 -3.08
CA VAL A 173 -20.03 -2.22 -1.79
C VAL A 173 -20.48 -3.13 -0.69
N LEU A 174 -19.75 -3.18 0.44
CA LEU A 174 -20.30 -3.90 1.60
C LEU A 174 -20.63 -2.89 2.67
N ASP A 175 -21.92 -2.61 2.87
CA ASP A 175 -22.30 -1.77 4.03
C ASP A 175 -22.23 -2.67 5.24
N GLU A 176 -22.02 -2.12 6.44
CA GLU A 176 -21.94 -2.93 7.64
C GLU A 176 -20.92 -4.04 7.40
N ALA A 177 -19.76 -3.62 6.87
CA ALA A 177 -18.79 -4.56 6.28
C ALA A 177 -18.25 -5.57 7.25
N ASP A 178 -18.18 -5.22 8.52
CA ASP A 178 -17.62 -6.17 9.50
C ASP A 178 -18.53 -7.37 9.80
N VAL A 179 -19.86 -7.19 9.85
CA VAL A 179 -20.79 -8.34 10.00
C VAL A 179 -20.99 -9.03 8.66
N MET A 180 -20.84 -8.31 7.57
CA MET A 180 -20.92 -8.97 6.22
C MET A 180 -19.80 -9.99 6.03
N ILE A 181 -18.60 -9.69 6.55
CA ILE A 181 -17.49 -10.61 6.37
C ILE A 181 -17.12 -11.44 7.60
N ALA A 182 -17.77 -11.22 8.73
CA ALA A 182 -17.43 -12.01 9.90
C ALA A 182 -18.05 -13.42 9.76
N THR A 183 -17.32 -14.43 10.26
CA THR A 183 -17.73 -15.85 10.29
C THR A 183 -19.06 -15.99 11.01
N GLN A 184 -19.24 -15.22 12.07
CA GLN A 184 -20.51 -15.17 12.75
C GLN A 184 -21.60 -14.60 11.83
N GLY A 185 -21.24 -13.60 11.03
CA GLY A 185 -22.20 -12.89 10.22
C GLY A 185 -22.39 -13.57 8.90
N HIS A 186 -22.19 -12.85 7.82
CA HIS A 186 -22.59 -13.24 6.44
C HIS A 186 -21.39 -13.68 5.61
N GLN A 187 -20.29 -14.04 6.28
CA GLN A 187 -19.04 -14.35 5.59
C GLN A 187 -19.19 -15.27 4.38
N ASP A 188 -19.85 -16.39 4.57
CA ASP A 188 -19.98 -17.41 3.54
C ASP A 188 -20.70 -16.92 2.29
N GLN A 189 -21.76 -16.16 2.45
CA GLN A 189 -22.42 -15.72 1.26
C GLN A 189 -21.65 -14.59 0.59
N SER A 190 -21.09 -13.68 1.41
CA SER A 190 -20.40 -12.47 0.89
C SER A 190 -19.17 -12.87 0.11
N ILE A 191 -18.41 -13.81 0.65
CA ILE A 191 -17.17 -14.22 0.02
C ILE A 191 -17.48 -15.03 -1.23
N ARG A 192 -18.54 -15.85 -1.25
CA ARG A 192 -18.93 -16.53 -2.50
C ARG A 192 -19.32 -15.55 -3.61
N ILE A 193 -20.01 -14.47 -3.23
CA ILE A 193 -20.39 -13.43 -4.19
C ILE A 193 -19.13 -12.74 -4.69
N GLN A 194 -18.24 -12.39 -3.77
CA GLN A 194 -16.98 -11.73 -4.10
C GLN A 194 -16.12 -12.52 -5.09
N ARG A 195 -15.99 -13.81 -4.86
CA ARG A 195 -15.25 -14.68 -5.75
C ARG A 195 -15.78 -14.66 -7.19
N MET A 196 -17.05 -14.34 -7.39
CA MET A 196 -17.58 -14.20 -8.74
C MET A 196 -17.20 -12.87 -9.48
N LEU A 197 -16.70 -11.88 -8.75
CA LEU A 197 -16.33 -10.57 -9.32
C LEU A 197 -15.11 -10.66 -10.22
N PRO A 198 -14.95 -9.74 -11.20
CA PRO A 198 -13.74 -9.74 -12.01
C PRO A 198 -12.62 -9.17 -11.18
N ARG A 199 -11.39 -9.46 -11.61
CA ARG A 199 -10.22 -8.88 -11.00
C ARG A 199 -10.27 -7.34 -10.86
N ASN A 200 -10.78 -6.60 -11.84
CA ASN A 200 -10.65 -5.13 -11.76
C ASN A 200 -11.74 -4.40 -11.00
N CYS A 201 -12.43 -5.08 -10.11
CA CYS A 201 -13.63 -4.54 -9.50
C CYS A 201 -13.27 -3.73 -8.25
N GLN A 202 -13.81 -2.52 -8.10
CA GLN A 202 -13.49 -1.73 -6.93
C GLN A 202 -14.28 -2.24 -5.72
N MET A 203 -13.62 -2.35 -4.57
CA MET A 203 -14.26 -2.86 -3.37
C MET A 203 -14.21 -1.81 -2.27
N LEU A 204 -15.39 -1.52 -1.73
CA LEU A 204 -15.58 -0.47 -0.73
C LEU A 204 -16.27 -1.12 0.46
N LEU A 205 -15.61 -1.11 1.62
CA LEU A 205 -16.15 -1.64 2.86
C LEU A 205 -16.34 -0.49 3.86
N PHE A 206 -17.56 -0.30 4.37
CA PHE A 206 -17.82 0.72 5.39
C PHE A 206 -18.45 0.14 6.66
N SER A 207 -17.99 0.61 7.80
CA SER A 207 -18.64 0.31 9.06
C SER A 207 -18.26 1.32 10.12
N ALA A 208 -19.15 1.43 11.12
CA ALA A 208 -18.80 2.11 12.40
C ALA A 208 -17.87 1.30 13.31
N THR A 209 -17.70 -0.01 13.07
CA THR A 209 -16.84 -0.89 13.95
C THR A 209 -16.09 -1.91 13.11
N PHE A 210 -14.88 -2.28 13.55
CA PHE A 210 -14.16 -3.46 13.06
C PHE A 210 -13.38 -4.05 14.25
N GLU A 211 -13.87 -5.13 14.80
CA GLU A 211 -13.05 -5.94 15.68
C GLU A 211 -11.66 -6.26 15.06
N ASP A 212 -10.64 -6.37 15.93
CA ASP A 212 -9.24 -6.59 15.51
C ASP A 212 -9.00 -7.65 14.47
N SER A 213 -9.54 -8.82 14.69
CA SER A 213 -9.32 -9.90 13.78
C SER A 213 -10.10 -9.66 12.51
N VAL A 214 -11.27 -9.03 12.60
CA VAL A 214 -12.02 -8.65 11.37
C VAL A 214 -11.30 -7.60 10.53
N TRP A 215 -10.67 -6.64 11.19
CA TRP A 215 -9.82 -5.64 10.51
C TRP A 215 -8.68 -6.36 9.74
N LYS A 216 -8.02 -7.31 10.41
CA LYS A 216 -6.97 -8.13 9.77
C LYS A 216 -7.48 -8.94 8.60
N PHE A 217 -8.62 -9.60 8.81
CA PHE A 217 -9.25 -10.37 7.74
C PHE A 217 -9.59 -9.44 6.52
N ALA A 218 -10.20 -8.29 6.74
CA ALA A 218 -10.54 -7.34 5.62
C ALA A 218 -9.32 -6.97 4.76
N GLN A 219 -8.16 -6.87 5.39
CA GLN A 219 -6.94 -6.53 4.64
C GLN A 219 -6.54 -7.66 3.76
N LYS A 220 -6.96 -8.86 4.04
CA LYS A 220 -6.53 -9.98 3.22
C LYS A 220 -7.54 -10.31 2.14
N VAL A 221 -8.79 -9.90 2.29
CA VAL A 221 -9.79 -10.18 1.23
C VAL A 221 -9.95 -8.99 0.29
N VAL A 222 -9.51 -7.84 0.71
CA VAL A 222 -9.52 -6.63 -0.14
C VAL A 222 -8.10 -6.32 -0.66
N PRO A 223 -7.90 -6.47 -2.00
CA PRO A 223 -6.56 -6.18 -2.56
C PRO A 223 -6.13 -4.71 -2.37
N ASP A 224 -4.94 -4.53 -1.81
CA ASP A 224 -4.26 -3.23 -1.71
C ASP A 224 -5.09 -2.07 -1.16
N PRO A 225 -5.74 -2.21 -0.01
CA PRO A 225 -6.66 -1.15 0.33
C PRO A 225 -6.08 0.05 0.96
N ASN A 226 -6.62 1.21 0.66
CA ASN A 226 -6.59 2.34 1.56
C ASN A 226 -7.41 2.05 2.79
N VAL A 227 -7.00 2.64 3.90
CA VAL A 227 -7.69 2.42 5.11
C VAL A 227 -7.93 3.73 5.87
N ILE A 228 -9.10 3.84 6.46
CA ILE A 228 -9.39 4.89 7.42
C ILE A 228 -9.93 4.24 8.66
N LYS A 229 -9.18 4.40 9.73
CA LYS A 229 -9.47 3.69 10.96
C LYS A 229 -9.59 4.70 12.09
N LEU A 230 -10.56 4.52 12.97
CA LEU A 230 -10.65 5.29 14.24
C LEU A 230 -9.88 4.66 15.41
N LYS A 231 -9.35 5.52 16.28
CA LYS A 231 -8.96 5.18 17.64
C LYS A 231 -10.16 4.82 18.51
N ARG A 232 -9.93 3.91 19.45
CA ARG A 232 -10.98 3.44 20.36
C ARG A 232 -11.77 4.59 20.98
N GLU A 233 -11.06 5.63 21.42
CA GLU A 233 -11.65 6.79 22.08
C GLU A 233 -12.52 7.58 21.13
N GLU A 234 -12.37 7.40 19.82
CA GLU A 234 -13.14 8.19 18.89
C GLU A 234 -14.49 7.51 18.52
N GLU A 235 -14.65 6.25 18.89
CA GLU A 235 -15.79 5.47 18.40
C GLU A 235 -17.12 5.86 19.00
N THR A 236 -17.10 6.34 20.23
CA THR A 236 -18.34 6.66 20.98
C THR A 236 -18.63 8.16 20.87
N LEU A 237 -19.90 8.48 20.65
CA LEU A 237 -20.35 9.87 20.52
C LEU A 237 -20.62 10.50 21.88
N ASP A 238 -20.08 11.70 22.11
CA ASP A 238 -20.47 12.56 23.24
C ASP A 238 -21.94 12.96 23.27
N THR A 239 -22.62 12.90 22.12
CA THR A 239 -24.01 13.29 22.03
C THR A 239 -25.06 12.24 22.45
N ILE A 240 -24.63 11.00 22.66
CA ILE A 240 -25.52 9.97 23.19
C ILE A 240 -25.18 9.73 24.67
N LYS A 241 -26.09 10.15 25.57
CA LYS A 241 -25.93 9.85 26.99
C LYS A 241 -26.24 8.39 27.31
N GLN A 242 -25.36 7.72 28.02
CA GLN A 242 -25.53 6.32 28.40
C GLN A 242 -25.86 6.13 29.89
N TYR A 243 -26.98 5.48 30.17
CA TYR A 243 -27.37 5.09 31.52
C TYR A 243 -27.61 3.61 31.68
N TYR A 244 -27.74 3.19 32.94
CA TYR A 244 -28.28 1.87 33.26
C TYR A 244 -29.27 1.95 34.44
N VAL A 245 -30.07 0.89 34.55
CA VAL A 245 -31.12 0.77 35.56
C VAL A 245 -30.82 -0.60 36.12
N LEU A 246 -30.64 -0.65 37.44
CA LEU A 246 -30.34 -1.90 38.08
C LEU A 246 -31.64 -2.58 38.49
N CYS A 247 -31.82 -3.81 38.02
CA CYS A 247 -32.98 -4.65 38.30
C CYS A 247 -32.54 -6.12 38.43
N SER A 248 -33.25 -6.90 39.23
CA SER A 248 -32.89 -8.31 39.45
C SER A 248 -33.76 -9.39 38.79
N SER A 249 -34.68 -8.99 37.90
CA SER A 249 -35.58 -9.95 37.27
C SER A 249 -36.17 -9.34 36.02
N ARG A 250 -36.62 -10.20 35.11
CA ARG A 250 -37.37 -9.78 33.94
C ARG A 250 -38.52 -8.86 34.30
N ASP A 251 -39.30 -9.26 35.32
CA ASP A 251 -40.53 -8.55 35.67
C ASP A 251 -40.23 -7.13 36.16
N GLU A 252 -39.13 -7.01 36.89
CA GLU A 252 -38.68 -5.74 37.43
C GLU A 252 -38.28 -4.75 36.33
N LYS A 253 -37.45 -5.25 35.38
CA LYS A 253 -37.14 -4.57 34.11
C LYS A 253 -38.38 -4.05 33.40
N PHE A 254 -39.37 -4.94 33.24
CA PHE A 254 -40.62 -4.57 32.63
C PHE A 254 -41.28 -3.47 33.48
N GLN A 255 -41.23 -3.63 34.79
CA GLN A 255 -41.74 -2.64 35.73
C GLN A 255 -41.04 -1.32 35.54
N ALA A 256 -39.71 -1.36 35.50
CA ALA A 256 -38.91 -0.17 35.31
C ALA A 256 -39.27 0.46 33.96
N LEU A 257 -39.47 -0.39 32.96
CA LEU A 257 -39.83 0.07 31.63
C LEU A 257 -41.17 0.80 31.68
N CYS A 258 -42.11 0.26 32.45
CA CYS A 258 -43.41 0.88 32.60
C CYS A 258 -43.23 2.24 33.26
N ASN A 259 -42.33 2.27 34.25
CA ASN A 259 -42.00 3.51 34.95
C ASN A 259 -41.48 4.60 34.01
N LEU A 260 -40.54 4.24 33.15
CA LEU A 260 -39.92 5.17 32.21
C LEU A 260 -40.74 5.61 31.02
N TYR A 261 -41.84 4.94 30.75
CA TYR A 261 -42.39 4.96 29.40
C TYR A 261 -42.85 6.32 28.91
N GLY A 262 -43.38 7.15 29.81
CA GLY A 262 -43.72 8.53 29.47
C GLY A 262 -42.50 9.35 29.06
N ALA A 263 -41.43 9.23 29.85
CA ALA A 263 -40.21 10.03 29.66
C ALA A 263 -39.48 9.65 28.37
N ILE A 264 -39.64 8.39 27.94
CA ILE A 264 -39.00 7.88 26.74
C ILE A 264 -39.88 7.93 25.50
N THR A 265 -41.13 8.29 25.69
CA THR A 265 -42.09 8.28 24.59
C THR A 265 -42.39 9.68 24.08
N ILE A 266 -41.60 10.67 24.51
CA ILE A 266 -41.82 12.04 24.09
C ILE A 266 -41.64 12.13 22.59
N ALA A 267 -40.58 11.43 22.18
CA ALA A 267 -40.04 11.25 20.84
C ALA A 267 -39.83 9.74 20.72
N GLN A 268 -39.64 9.25 19.50
CA GLN A 268 -39.73 7.83 19.17
C GLN A 268 -38.65 7.04 19.89
N ALA A 269 -38.93 5.78 20.20
CA ALA A 269 -37.92 4.93 20.87
C ALA A 269 -37.80 3.58 20.15
N MET A 270 -36.66 2.94 20.26
CA MET A 270 -36.53 1.57 19.80
C MET A 270 -36.11 0.78 21.01
N ILE A 271 -36.66 -0.41 21.17
CA ILE A 271 -36.33 -1.22 22.30
C ILE A 271 -35.74 -2.53 21.79
N PHE A 272 -34.61 -2.96 22.33
CA PHE A 272 -33.87 -4.11 21.79
C PHE A 272 -33.90 -5.33 22.74
N CYS A 273 -34.26 -6.48 22.17
CA CYS A 273 -34.41 -7.77 22.89
C CYS A 273 -33.51 -8.87 22.30
N HIS A 274 -33.09 -9.82 23.13
CA HIS A 274 -32.11 -10.82 22.74
C HIS A 274 -32.71 -11.82 21.76
N THR A 275 -34.03 -12.06 21.84
CA THR A 275 -34.61 -13.16 21.04
C THR A 275 -35.94 -12.71 20.42
N ARG A 276 -36.37 -13.36 19.32
CA ARG A 276 -37.62 -13.04 18.67
C ARG A 276 -38.73 -13.26 19.68
N LYS A 277 -38.60 -14.30 20.49
CA LYS A 277 -39.65 -14.63 21.47
C LYS A 277 -39.82 -13.60 22.60
N THR A 278 -38.70 -13.11 23.18
CA THR A 278 -38.76 -12.01 24.11
C THR A 278 -39.33 -10.76 23.43
N ALA A 279 -39.04 -10.57 22.14
CA ALA A 279 -39.48 -9.35 21.45
C ALA A 279 -41.01 -9.34 21.43
N SER A 280 -41.61 -10.47 21.05
CA SER A 280 -43.07 -10.53 20.94
C SER A 280 -43.74 -10.61 22.33
N TRP A 281 -43.09 -11.30 23.27
CA TRP A 281 -43.60 -11.25 24.65
C TRP A 281 -43.62 -9.77 25.16
N LEU A 282 -42.53 -9.02 24.97
CA LEU A 282 -42.47 -7.65 25.49
C LEU A 282 -43.54 -6.76 24.83
N ALA A 283 -43.63 -6.83 23.51
CA ALA A 283 -44.63 -6.09 22.75
C ALA A 283 -46.10 -6.47 23.20
N ALA A 284 -46.36 -7.75 23.46
CA ALA A 284 -47.67 -8.10 23.97
C ALA A 284 -47.95 -7.55 25.38
N GLU A 285 -46.90 -7.55 26.24
CA GLU A 285 -47.06 -7.06 27.63
C GLU A 285 -47.27 -5.57 27.65
N LEU A 286 -46.45 -4.82 26.91
CA LEU A 286 -46.68 -3.37 26.74
C LEU A 286 -48.12 -3.04 26.18
N SER A 287 -48.65 -3.84 25.25
CA SER A 287 -50.05 -3.61 24.78
C SER A 287 -51.12 -3.86 25.82
N LYS A 288 -50.87 -4.80 26.73
CA LYS A 288 -51.77 -4.97 27.88
C LYS A 288 -51.78 -3.79 28.86
N GLU A 289 -50.72 -2.99 28.88
CA GLU A 289 -50.73 -1.78 29.67
C GLU A 289 -51.40 -0.66 28.91
N GLY A 290 -51.83 -0.91 27.68
CA GLY A 290 -52.50 0.11 26.92
C GLY A 290 -51.56 0.95 26.10
N HIS A 291 -50.33 0.49 25.93
CA HIS A 291 -49.42 1.18 25.00
C HIS A 291 -49.44 0.63 23.58
N GLN A 292 -49.44 1.53 22.61
CA GLN A 292 -49.36 1.10 21.21
C GLN A 292 -47.90 1.00 20.78
N VAL A 293 -47.46 -0.21 20.51
CA VAL A 293 -46.12 -0.44 20.05
C VAL A 293 -46.19 -1.28 18.77
N ALA A 294 -45.13 -1.24 17.96
CA ALA A 294 -45.07 -2.10 16.72
C ALA A 294 -43.92 -3.09 16.95
N LEU A 295 -44.15 -4.34 16.62
CA LEU A 295 -43.12 -5.35 16.76
C LEU A 295 -42.46 -5.62 15.39
N LEU A 296 -41.15 -5.80 15.37
CA LEU A 296 -40.48 -6.09 14.12
C LEU A 296 -39.45 -7.15 14.40
N SER A 297 -39.57 -8.30 13.77
CA SER A 297 -38.47 -9.25 13.85
C SER A 297 -38.41 -10.12 12.59
N GLY A 298 -37.34 -10.87 12.52
CA GLY A 298 -37.09 -11.58 11.29
C GLY A 298 -38.00 -12.79 11.09
N GLU A 299 -38.86 -13.11 12.06
CA GLU A 299 -39.85 -14.22 11.83
C GLU A 299 -41.09 -13.74 11.08
N MET A 300 -41.19 -12.44 10.84
CA MET A 300 -42.36 -11.87 10.21
C MET A 300 -42.15 -11.98 8.74
N MET A 301 -43.23 -12.01 7.99
CA MET A 301 -43.09 -11.99 6.55
C MET A 301 -42.55 -10.64 6.11
N VAL A 302 -41.88 -10.63 4.97
CA VAL A 302 -41.30 -9.41 4.45
C VAL A 302 -42.31 -8.35 4.19
N GLU A 303 -43.52 -8.73 3.72
CA GLU A 303 -44.52 -7.73 3.46
C GLU A 303 -44.89 -7.08 4.80
N GLN A 304 -44.93 -7.88 5.90
CA GLN A 304 -45.25 -7.32 7.19
C GLN A 304 -44.08 -6.46 7.71
N ARG A 305 -42.86 -6.94 7.52
CA ARG A 305 -41.68 -6.16 7.91
C ARG A 305 -41.63 -4.82 7.20
N ALA A 306 -41.82 -4.81 5.90
CA ALA A 306 -41.83 -3.55 5.11
C ALA A 306 -42.90 -2.59 5.62
N ALA A 307 -44.08 -3.11 5.94
CA ALA A 307 -45.21 -2.21 6.27
C ALA A 307 -44.97 -1.61 7.67
N VAL A 308 -44.36 -2.39 8.57
CA VAL A 308 -44.14 -1.92 9.92
C VAL A 308 -43.02 -0.86 9.98
N ILE A 309 -41.92 -1.08 9.26
CA ILE A 309 -40.87 -0.07 9.23
C ILE A 309 -41.37 1.24 8.56
N GLU A 310 -42.15 1.11 7.53
CA GLU A 310 -42.71 2.29 6.92
C GLU A 310 -43.63 3.08 7.87
N ARG A 311 -44.48 2.39 8.60
CA ARG A 311 -45.34 3.07 9.56
C ARG A 311 -44.54 3.72 10.68
N PHE A 312 -43.48 3.08 11.15
CA PHE A 312 -42.62 3.69 12.17
C PHE A 312 -41.90 4.95 11.61
N ARG A 313 -41.46 4.89 10.35
CA ARG A 313 -40.84 6.05 9.67
C ARG A 313 -41.80 7.23 9.54
N GLU A 314 -43.09 6.92 9.30
CA GLU A 314 -44.14 7.92 9.17
C GLU A 314 -44.60 8.50 10.53
N GLY A 315 -44.03 8.02 11.63
CA GLY A 315 -44.40 8.45 12.97
C GLY A 315 -45.73 7.87 13.43
N LYS A 316 -46.30 6.98 12.61
CA LYS A 316 -47.56 6.30 12.96
C LYS A 316 -47.42 5.35 14.16
N GLU A 317 -46.19 4.92 14.43
CA GLU A 317 -45.86 4.14 15.61
C GLU A 317 -44.76 4.90 16.28
N LYS A 318 -44.84 5.03 17.59
CA LYS A 318 -43.83 5.74 18.38
C LYS A 318 -42.75 4.80 18.98
N VAL A 319 -43.10 3.52 19.16
CA VAL A 319 -42.27 2.57 19.89
C VAL A 319 -42.15 1.30 19.08
N LEU A 320 -40.91 0.93 18.79
CA LEU A 320 -40.62 -0.21 17.98
C LEU A 320 -39.95 -1.17 18.91
N VAL A 321 -40.49 -2.37 19.01
CA VAL A 321 -39.92 -3.40 19.85
C VAL A 321 -39.30 -4.39 18.88
N THR A 322 -37.99 -4.61 19.01
CA THR A 322 -37.25 -5.31 17.99
C THR A 322 -36.10 -6.17 18.51
N THR A 323 -35.53 -6.93 17.59
CA THR A 323 -34.31 -7.74 17.79
C THR A 323 -33.14 -6.98 17.15
N ASN A 324 -31.97 -7.62 17.17
CA ASN A 324 -30.82 -7.08 16.45
C ASN A 324 -31.08 -6.90 14.96
N VAL A 325 -32.18 -7.44 14.38
CA VAL A 325 -32.53 -7.06 12.99
C VAL A 325 -32.46 -5.53 12.67
N CYS A 326 -32.75 -4.70 13.69
CA CYS A 326 -32.65 -3.23 13.56
C CYS A 326 -31.45 -2.58 14.18
N ALA A 327 -30.47 -3.40 14.55
CA ALA A 327 -29.34 -2.90 15.34
C ALA A 327 -28.48 -2.04 14.45
N ARG A 328 -28.40 -2.41 13.18
CA ARG A 328 -27.41 -1.69 12.33
C ARG A 328 -28.04 -0.80 11.29
N GLY A 329 -27.47 0.41 11.11
CA GLY A 329 -27.75 1.18 9.86
C GLY A 329 -29.11 1.85 9.72
N ILE A 330 -30.16 1.26 10.30
CA ILE A 330 -31.52 1.86 10.29
C ILE A 330 -31.48 3.28 10.81
N ASP A 331 -31.99 4.22 10.00
CA ASP A 331 -31.87 5.64 10.27
C ASP A 331 -33.26 6.31 10.28
N VAL A 332 -33.72 6.59 11.49
CA VAL A 332 -35.02 7.23 11.67
C VAL A 332 -34.76 8.46 12.57
N GLU A 333 -34.94 9.65 12.00
CA GLU A 333 -34.33 10.86 12.63
C GLU A 333 -35.01 11.21 13.95
N GLN A 334 -36.27 10.80 14.12
CA GLN A 334 -37.05 11.07 15.35
C GLN A 334 -36.74 10.10 16.49
N VAL A 335 -35.88 9.12 16.26
CA VAL A 335 -35.57 8.17 17.34
C VAL A 335 -34.65 8.87 18.33
N SER A 336 -35.20 9.13 19.51
CA SER A 336 -34.46 9.91 20.48
C SER A 336 -34.10 9.05 21.66
N VAL A 337 -34.67 7.84 21.71
CA VAL A 337 -34.30 6.93 22.81
C VAL A 337 -34.13 5.49 22.35
N VAL A 338 -33.04 4.88 22.78
CA VAL A 338 -32.78 3.46 22.62
C VAL A 338 -32.77 2.77 23.96
N ILE A 339 -33.52 1.67 24.08
CA ILE A 339 -33.50 0.84 25.30
C ILE A 339 -32.95 -0.50 24.99
N ASN A 340 -31.94 -0.90 25.74
CA ASN A 340 -31.46 -2.26 25.73
C ASN A 340 -32.18 -2.99 26.86
N PHE A 341 -33.25 -3.64 26.51
CA PHE A 341 -34.01 -4.39 27.45
C PHE A 341 -33.19 -5.61 27.84
N ASP A 342 -32.61 -6.26 26.83
CA ASP A 342 -31.55 -7.28 27.01
C ASP A 342 -30.21 -6.64 26.62
N LEU A 343 -29.13 -6.99 27.29
CA LEU A 343 -27.79 -6.48 26.89
C LEU A 343 -27.28 -7.28 25.68
N PRO A 344 -26.52 -6.63 24.77
CA PRO A 344 -26.13 -7.43 23.59
C PRO A 344 -24.98 -8.43 23.91
N VAL A 345 -25.18 -9.70 23.59
CA VAL A 345 -24.20 -10.74 23.81
C VAL A 345 -24.04 -11.49 22.49
N ASP A 346 -22.86 -12.11 22.28
CA ASP A 346 -22.60 -12.85 21.05
C ASP A 346 -23.25 -14.22 21.17
N LYS A 347 -23.01 -15.14 20.23
CA LYS A 347 -23.62 -16.46 20.29
C LYS A 347 -23.18 -17.22 21.55
N ASP A 348 -21.94 -17.05 21.93
CA ASP A 348 -21.41 -17.61 23.14
C ASP A 348 -22.03 -17.08 24.36
N GLY A 349 -22.41 -15.82 24.33
CA GLY A 349 -22.87 -15.14 25.50
C GLY A 349 -21.83 -14.20 26.07
N ASN A 350 -20.72 -14.00 25.41
CA ASN A 350 -19.78 -12.93 25.77
C ASN A 350 -20.30 -11.55 25.35
N PRO A 351 -19.89 -10.48 25.99
CA PRO A 351 -20.39 -9.16 25.65
C PRO A 351 -20.13 -8.73 24.21
N ASP A 352 -21.16 -8.25 23.52
CA ASP A 352 -21.02 -7.92 22.12
C ASP A 352 -20.84 -6.37 21.99
N ASN A 353 -19.60 -5.92 22.13
CA ASN A 353 -19.28 -4.47 22.07
C ASN A 353 -19.74 -3.78 20.78
N GLU A 354 -19.52 -4.45 19.66
CA GLU A 354 -19.87 -3.90 18.35
C GLU A 354 -21.40 -3.66 18.22
N THR A 355 -22.18 -4.67 18.51
CA THR A 355 -23.59 -4.49 18.52
C THR A 355 -24.05 -3.40 19.49
N TYR A 356 -23.44 -3.35 20.66
CA TYR A 356 -23.80 -2.32 21.62
C TYR A 356 -23.67 -0.95 20.97
N LEU A 357 -22.57 -0.75 20.26
CA LEU A 357 -22.28 0.58 19.75
C LEU A 357 -23.27 0.93 18.60
N HIS A 358 -23.60 -0.06 17.81
CA HIS A 358 -24.59 0.10 16.74
C HIS A 358 -25.99 0.30 17.29
N ARG A 359 -26.41 -0.52 18.24
CA ARG A 359 -27.75 -0.26 18.86
C ARG A 359 -27.91 1.19 19.36
N ILE A 360 -26.98 1.67 20.18
CA ILE A 360 -27.20 3.02 20.73
C ILE A 360 -27.07 4.07 19.65
N GLY A 361 -26.35 3.73 18.57
CA GLY A 361 -26.17 4.57 17.38
C GLY A 361 -27.48 4.78 16.58
N ARG A 362 -28.56 4.10 16.92
CA ARG A 362 -29.87 4.34 16.35
C ARG A 362 -30.34 5.78 16.70
N THR A 363 -29.89 6.29 17.84
CA THR A 363 -30.22 7.63 18.27
C THR A 363 -29.02 8.58 18.08
N GLY A 364 -29.25 9.88 18.30
CA GLY A 364 -28.24 10.91 18.03
C GLY A 364 -27.62 10.85 16.65
N ARG A 365 -28.42 10.84 15.61
CA ARG A 365 -27.92 10.79 14.25
C ARG A 365 -27.55 12.22 13.73
N PHE A 366 -26.41 12.35 13.08
CA PHE A 366 -25.98 13.56 12.38
C PHE A 366 -26.21 14.88 13.13
N GLY A 367 -25.68 14.97 14.32
CA GLY A 367 -25.79 16.19 15.11
C GLY A 367 -26.95 16.28 16.10
N LYS A 368 -27.89 15.34 16.09
CA LYS A 368 -28.89 15.31 17.17
C LYS A 368 -28.35 14.71 18.46
N ARG A 369 -29.05 14.95 19.57
CA ARG A 369 -28.68 14.27 20.81
C ARG A 369 -29.56 13.06 21.04
N GLY A 370 -29.08 12.13 21.86
CA GLY A 370 -29.84 10.91 22.13
C GLY A 370 -29.55 10.41 23.49
N LEU A 371 -30.34 9.43 23.91
CA LEU A 371 -30.15 8.78 25.19
C LEU A 371 -30.26 7.26 24.95
N ALA A 372 -29.42 6.51 25.67
CA ALA A 372 -29.50 5.06 25.69
C ALA A 372 -29.61 4.64 27.15
N VAL A 373 -30.55 3.73 27.41
CA VAL A 373 -30.78 3.15 28.73
C VAL A 373 -30.63 1.62 28.67
N ASN A 374 -29.66 1.11 29.41
CA ASN A 374 -29.46 -0.33 29.58
C ASN A 374 -30.20 -0.90 30.80
N MET A 375 -30.96 -2.00 30.60
CA MET A 375 -31.65 -2.72 31.67
C MET A 375 -30.77 -3.87 32.16
N VAL A 376 -30.24 -3.74 33.37
CA VAL A 376 -29.37 -4.75 33.97
C VAL A 376 -30.20 -5.57 34.99
N ASP A 377 -30.24 -6.90 34.81
CA ASP A 377 -31.19 -7.77 35.54
C ASP A 377 -30.50 -8.80 36.43
N SER A 378 -29.18 -8.72 36.48
CA SER A 378 -28.35 -9.67 37.23
C SER A 378 -26.96 -9.15 37.44
N LYS A 379 -26.23 -9.92 38.24
CA LYS A 379 -24.80 -9.76 38.38
C LYS A 379 -24.11 -10.11 37.07
N HIS A 380 -24.52 -11.19 36.41
CA HIS A 380 -23.92 -11.52 35.13
C HIS A 380 -24.09 -10.39 34.09
N SER A 381 -25.30 -9.85 34.00
CA SER A 381 -25.59 -8.68 33.15
C SER A 381 -24.74 -7.48 33.56
N MET A 382 -24.74 -7.19 34.85
CA MET A 382 -23.84 -6.20 35.39
C MET A 382 -22.37 -6.43 34.97
N ASN A 383 -21.90 -7.69 34.98
CA ASN A 383 -20.53 -7.97 34.54
C ASN A 383 -20.37 -7.53 33.09
N ILE A 384 -21.41 -7.81 32.30
CA ILE A 384 -21.40 -7.54 30.86
C ILE A 384 -21.32 -6.04 30.63
N LEU A 385 -22.12 -5.31 31.37
CA LEU A 385 -22.14 -3.87 31.26
C LEU A 385 -20.79 -3.22 31.62
N ASN A 386 -20.18 -3.71 32.71
CA ASN A 386 -18.89 -3.20 33.10
C ASN A 386 -17.87 -3.53 32.06
N ARG A 387 -18.01 -4.71 31.46
CA ARG A 387 -17.12 -5.05 30.38
C ARG A 387 -17.21 -4.09 29.19
N ILE A 388 -18.44 -3.75 28.77
CA ILE A 388 -18.66 -2.82 27.67
C ILE A 388 -18.06 -1.45 27.99
N GLN A 389 -18.30 -0.98 29.21
CA GLN A 389 -17.74 0.29 29.64
C GLN A 389 -16.21 0.34 29.61
N GLU A 390 -15.59 -0.79 29.95
CA GLU A 390 -14.13 -0.87 29.97
C GLU A 390 -13.61 -0.90 28.53
N HIS A 391 -14.17 -1.73 27.67
CA HIS A 391 -13.88 -1.67 26.23
C HIS A 391 -13.88 -0.21 25.70
N PHE A 392 -14.95 0.54 25.90
CA PHE A 392 -15.02 1.89 25.35
C PHE A 392 -14.40 3.00 26.19
N ASN A 393 -14.10 2.71 27.46
CA ASN A 393 -13.65 3.69 28.42
C ASN A 393 -14.61 4.85 28.52
N LYS A 394 -15.90 4.55 28.50
CA LYS A 394 -16.92 5.58 28.62
C LYS A 394 -17.86 5.14 29.74
N LYS A 395 -17.97 5.98 30.77
CA LYS A 395 -18.75 5.62 31.94
C LYS A 395 -20.23 5.74 31.64
N ILE A 396 -20.99 4.75 32.08
CA ILE A 396 -22.44 4.70 31.92
C ILE A 396 -23.04 5.07 33.27
N GLU A 397 -23.75 6.19 33.34
CA GLU A 397 -24.33 6.61 34.61
C GLU A 397 -25.52 5.77 35.10
N ARG A 398 -25.58 5.55 36.41
CA ARG A 398 -26.71 4.92 37.05
C ARG A 398 -27.91 5.85 37.05
N LEU A 399 -29.04 5.31 36.63
CA LEU A 399 -30.28 6.03 36.57
C LEU A 399 -31.27 5.26 37.43
N ASN B 8 11.43 7.98 -24.57
CA ASN B 8 11.55 7.25 -25.91
C ASN B 8 11.30 5.71 -25.77
N GLN B 9 12.36 4.90 -25.80
CA GLN B 9 12.16 3.50 -25.49
C GLN B 9 11.73 3.21 -24.04
N VAL B 10 12.04 4.11 -23.09
CA VAL B 10 11.60 3.93 -21.69
C VAL B 10 10.07 3.79 -21.56
N GLU B 11 9.33 4.76 -22.12
CA GLU B 11 7.86 4.77 -22.20
C GLU B 11 7.32 3.44 -22.74
N VAL B 12 7.89 3.01 -23.85
CA VAL B 12 7.53 1.74 -24.50
C VAL B 12 7.86 0.53 -23.61
N LEU B 13 9.05 0.51 -23.01
CA LEU B 13 9.43 -0.62 -22.17
C LEU B 13 8.62 -0.68 -20.91
N GLN B 14 8.24 0.47 -20.38
CA GLN B 14 7.48 0.47 -19.11
C GLN B 14 6.02 0.12 -19.38
N ARG B 15 5.67 -0.09 -20.64
CA ARG B 15 4.35 -0.68 -20.91
C ARG B 15 4.45 -2.20 -21.20
N ASP B 16 5.67 -2.71 -21.29
CA ASP B 16 5.86 -4.13 -21.65
C ASP B 16 6.01 -5.02 -20.39
N PRO B 17 5.09 -5.96 -20.16
CA PRO B 17 5.18 -6.70 -18.92
C PRO B 17 6.33 -7.71 -18.89
N ASN B 18 6.91 -8.02 -20.05
CA ASN B 18 8.13 -8.80 -20.04
C ASN B 18 9.37 -8.02 -19.58
N SER B 19 9.30 -6.68 -19.48
CA SER B 19 10.54 -5.90 -19.17
C SER B 19 10.81 -5.75 -17.66
N PRO B 20 12.09 -5.79 -17.19
CA PRO B 20 12.33 -5.39 -15.79
C PRO B 20 12.08 -3.92 -15.50
N LEU B 21 11.77 -3.11 -16.51
CA LEU B 21 11.37 -1.71 -16.28
C LEU B 21 9.88 -1.54 -16.10
N TYR B 22 9.10 -2.60 -16.24
CA TYR B 22 7.65 -2.48 -16.18
C TYR B 22 7.12 -2.58 -14.74
N SER B 23 6.11 -1.78 -14.41
N SER B 23 6.11 -1.78 -14.39
CA SER B 23 5.46 -1.83 -13.11
CA SER B 23 5.46 -1.85 -13.08
C SER B 23 3.94 -1.86 -13.24
C SER B 23 3.95 -1.86 -13.23
N VAL B 24 3.28 -2.69 -12.43
CA VAL B 24 1.85 -2.68 -12.38
C VAL B 24 1.36 -1.35 -11.75
N LYS B 25 2.06 -0.89 -10.74
CA LYS B 25 1.64 0.23 -9.97
C LYS B 25 2.44 1.46 -10.33
N SER B 26 1.83 2.62 -10.16
CA SER B 26 2.56 3.92 -10.26
C SER B 26 3.20 4.34 -8.94
N PHE B 27 4.04 5.38 -8.99
CA PHE B 27 4.62 5.86 -7.78
C PHE B 27 3.56 6.31 -6.73
N GLU B 28 2.39 6.79 -7.17
CA GLU B 28 1.34 7.23 -6.26
C GLU B 28 0.71 6.05 -5.58
N GLU B 29 0.67 4.90 -6.27
CA GLU B 29 0.13 3.71 -5.67
C GLU B 29 1.13 3.07 -4.68
N LEU B 30 2.38 3.52 -4.66
CA LEU B 30 3.33 2.96 -3.66
C LEU B 30 3.19 3.65 -2.33
N ARG B 31 2.32 4.65 -2.28
CA ARG B 31 2.03 5.36 -1.02
C ARG B 31 3.30 5.93 -0.40
N LEU B 32 4.21 6.47 -1.21
CA LEU B 32 5.35 7.17 -0.60
C LEU B 32 4.96 8.48 0.13
N LYS B 33 5.73 8.89 1.12
CA LYS B 33 5.58 10.24 1.74
C LYS B 33 5.66 11.30 0.63
N PRO B 34 4.82 12.33 0.71
CA PRO B 34 4.76 13.45 -0.27
C PRO B 34 6.11 14.07 -0.62
N GLN B 35 7.00 14.30 0.37
CA GLN B 35 8.35 14.86 0.07
C GLN B 35 9.20 13.93 -0.75
N LEU B 36 8.98 12.62 -0.61
CA LEU B 36 9.66 11.64 -1.47
C LEU B 36 9.03 11.52 -2.85
N LEU B 37 7.71 11.62 -2.94
CA LEU B 37 7.15 11.71 -4.28
C LEU B 37 7.66 12.96 -5.00
N GLN B 38 7.67 14.11 -4.34
CA GLN B 38 8.32 15.27 -4.95
C GLN B 38 9.73 14.97 -5.40
N GLY B 39 10.50 14.23 -4.58
CA GLY B 39 11.85 13.93 -4.93
C GLY B 39 11.96 13.06 -6.17
N VAL B 40 11.07 12.07 -6.35
CA VAL B 40 11.18 11.19 -7.51
C VAL B 40 10.75 11.86 -8.84
N TYR B 41 9.66 12.61 -8.80
CA TYR B 41 9.25 13.36 -9.98
C TYR B 41 10.24 14.45 -10.36
N ALA B 42 10.86 15.13 -9.38
CA ALA B 42 11.94 16.09 -9.67
C ALA B 42 13.11 15.43 -10.38
N MET B 43 13.38 14.17 -10.06
CA MET B 43 14.50 13.46 -10.65
C MET B 43 14.15 13.09 -12.10
N GLY B 44 12.88 13.26 -12.47
CA GLY B 44 12.45 12.96 -13.83
C GLY B 44 11.85 11.59 -14.03
N PHE B 45 11.53 10.85 -12.96
CA PHE B 45 11.01 9.47 -13.11
C PHE B 45 9.51 9.55 -13.35
N ASN B 46 8.94 8.78 -14.26
CA ASN B 46 7.50 8.74 -14.42
C ASN B 46 6.84 7.53 -13.76
N ARG B 47 7.46 6.34 -13.84
CA ARG B 47 6.89 5.11 -13.28
C ARG B 47 7.95 4.23 -12.68
N PRO B 48 7.62 3.48 -11.59
CA PRO B 48 8.58 2.53 -10.96
C PRO B 48 9.13 1.53 -11.97
N SER B 49 10.33 1.02 -11.80
CA SER B 49 10.72 -0.26 -12.42
C SER B 49 10.17 -1.43 -11.55
N LYS B 50 10.27 -2.63 -12.07
CA LYS B 50 9.76 -3.77 -11.34
C LYS B 50 10.44 -3.93 -9.94
N ILE B 51 11.77 -3.77 -9.88
CA ILE B 51 12.46 -3.93 -8.61
C ILE B 51 11.93 -2.91 -7.63
N GLN B 52 11.66 -1.71 -8.12
CA GLN B 52 11.21 -0.63 -7.25
C GLN B 52 9.78 -0.93 -6.73
N GLU B 53 8.89 -1.42 -7.59
CA GLU B 53 7.54 -1.68 -7.14
C GLU B 53 7.48 -2.87 -6.22
N ASN B 54 8.34 -3.86 -6.46
CA ASN B 54 8.41 -5.06 -5.61
C ASN B 54 9.15 -4.89 -4.27
N ALA B 55 10.27 -4.17 -4.27
CA ALA B 55 11.05 -3.98 -3.03
C ALA B 55 10.44 -2.97 -2.07
N LEU B 56 9.95 -1.85 -2.59
CA LEU B 56 9.42 -0.78 -1.72
C LEU B 56 8.34 -1.19 -0.68
N PRO B 57 7.29 -1.90 -1.10
CA PRO B 57 6.30 -2.37 -0.11
C PRO B 57 6.94 -3.21 0.99
N LEU B 58 7.92 -4.07 0.64
CA LEU B 58 8.60 -4.92 1.66
C LEU B 58 9.46 -4.11 2.62
N MET B 59 10.17 -3.11 2.09
CA MET B 59 11.02 -2.31 2.91
C MET B 59 10.22 -1.34 3.78
N LEU B 60 9.04 -0.96 3.33
CA LEU B 60 8.26 0.02 4.04
C LEU B 60 7.16 -0.60 4.87
N ALA B 61 7.19 -1.90 5.04
CA ALA B 61 6.19 -2.57 5.86
C ALA B 61 6.43 -2.37 7.34
N GLU B 62 5.39 -2.57 8.13
CA GLU B 62 5.53 -2.40 9.57
C GLU B 62 5.33 -3.67 10.30
N PRO B 63 6.27 -4.09 11.11
CA PRO B 63 7.54 -3.46 11.37
C PRO B 63 8.47 -3.63 10.20
N PRO B 64 9.53 -2.85 10.10
CA PRO B 64 10.42 -2.92 8.94
C PRO B 64 10.99 -4.31 8.71
N GLN B 65 11.13 -4.69 7.46
CA GLN B 65 11.50 -6.06 7.06
C GLN B 65 12.83 -6.01 6.36
N ASN B 66 13.69 -6.99 6.64
CA ASN B 66 14.99 -7.14 6.04
C ASN B 66 14.84 -7.72 4.68
N LEU B 67 15.72 -7.33 3.78
CA LEU B 67 15.57 -7.77 2.40
C LEU B 67 16.92 -8.10 1.71
N ILE B 68 16.90 -9.12 0.89
CA ILE B 68 18.04 -9.38 0.05
C ILE B 68 17.47 -9.43 -1.35
N ALA B 69 17.91 -8.51 -2.20
CA ALA B 69 17.23 -8.37 -3.50
C ALA B 69 18.21 -8.25 -4.67
N GLN B 70 17.78 -8.89 -5.74
CA GLN B 70 18.55 -8.94 -6.96
C GLN B 70 17.70 -8.39 -8.10
N SER B 71 18.31 -7.54 -8.91
CA SER B 71 17.67 -7.05 -10.14
C SER B 71 18.78 -6.68 -11.11
N GLN B 72 18.49 -6.78 -12.41
CA GLN B 72 19.50 -6.61 -13.46
C GLN B 72 20.25 -5.24 -13.44
N SER B 73 21.39 -5.15 -14.11
CA SER B 73 22.09 -3.89 -14.29
C SER B 73 21.13 -2.80 -14.77
N GLY B 74 21.26 -1.63 -14.16
CA GLY B 74 20.59 -0.42 -14.62
C GLY B 74 19.08 -0.48 -14.55
N THR B 75 18.54 -1.20 -13.55
CA THR B 75 17.10 -1.23 -13.35
C THR B 75 16.57 -0.30 -12.23
N GLY B 76 17.41 0.52 -11.61
CA GLY B 76 16.91 1.41 -10.57
C GLY B 76 17.02 0.91 -9.13
N LYS B 77 17.98 0.04 -8.84
CA LYS B 77 18.21 -0.43 -7.45
C LYS B 77 18.54 0.71 -6.52
N THR B 78 19.39 1.64 -6.95
CA THR B 78 19.71 2.77 -6.10
C THR B 78 18.50 3.55 -5.59
N ALA B 79 17.62 4.00 -6.49
CA ALA B 79 16.49 4.82 -5.97
C ALA B 79 15.61 3.98 -5.06
N ALA B 80 15.53 2.68 -5.27
CA ALA B 80 14.78 1.79 -4.34
C ALA B 80 15.34 1.82 -2.90
N PHE B 81 16.65 1.69 -2.71
CA PHE B 81 17.14 1.73 -1.35
C PHE B 81 17.30 3.12 -0.80
N VAL B 82 17.56 4.10 -1.67
CA VAL B 82 17.56 5.50 -1.19
C VAL B 82 16.16 5.87 -0.67
N LEU B 83 15.12 5.54 -1.43
CA LEU B 83 13.74 5.81 -0.94
C LEU B 83 13.44 5.10 0.39
N ALA B 84 13.92 3.87 0.58
CA ALA B 84 13.74 3.20 1.89
C ALA B 84 14.45 3.92 3.01
N MET B 85 15.68 4.39 2.78
CA MET B 85 16.43 5.12 3.85
C MET B 85 15.72 6.41 4.14
N LEU B 86 15.25 7.07 3.10
CA LEU B 86 14.64 8.37 3.30
C LEU B 86 13.28 8.24 3.98
N SER B 87 12.55 7.15 3.75
CA SER B 87 11.27 7.02 4.41
C SER B 87 11.39 6.83 5.94
N GLN B 88 12.52 6.31 6.40
CA GLN B 88 12.73 6.01 7.82
C GLN B 88 13.48 7.09 8.62
N VAL B 89 14.14 8.03 7.97
CA VAL B 89 14.89 9.05 8.67
C VAL B 89 13.96 10.04 9.43
N GLU B 90 14.41 10.55 10.58
CA GLU B 90 13.71 11.65 11.26
C GLU B 90 14.63 12.86 11.18
N PRO B 91 14.34 13.78 10.26
CA PRO B 91 15.29 14.87 10.02
C PRO B 91 15.51 15.69 11.29
N ALA B 92 14.55 15.65 12.20
CA ALA B 92 14.69 16.32 13.50
C ALA B 92 15.78 15.75 14.41
N ASN B 93 16.18 14.50 14.22
CA ASN B 93 17.22 13.94 15.08
C ASN B 93 18.61 14.04 14.47
N LYS B 94 19.37 15.01 15.00
CA LYS B 94 20.65 15.39 14.40
C LYS B 94 21.81 14.42 14.73
N TYR B 95 21.70 13.20 14.22
CA TYR B 95 22.74 12.16 14.32
C TYR B 95 22.46 11.05 13.30
N PRO B 96 23.53 10.34 12.89
CA PRO B 96 23.38 9.35 11.80
C PRO B 96 22.36 8.34 12.20
N GLN B 97 21.35 8.14 11.35
CA GLN B 97 20.35 7.10 11.54
C GLN B 97 20.37 6.05 10.43
N CYS B 98 20.93 6.43 9.29
CA CYS B 98 21.01 5.56 8.12
C CYS B 98 22.38 5.47 7.58
N LEU B 99 22.82 4.24 7.33
CA LEU B 99 24.14 3.98 6.85
C LEU B 99 24.13 3.14 5.59
N CYS B 100 24.72 3.71 4.55
CA CYS B 100 24.84 3.02 3.29
C CYS B 100 26.32 2.74 2.99
N LEU B 101 26.66 1.49 2.69
CA LEU B 101 28.07 1.21 2.30
C LEU B 101 28.21 0.87 0.84
N SER B 102 29.25 1.43 0.21
CA SER B 102 29.65 1.17 -1.15
C SER B 102 31.09 0.56 -1.23
N PRO B 103 31.38 -0.29 -2.25
CA PRO B 103 32.73 -0.89 -2.42
C PRO B 103 33.83 0.07 -2.90
N THR B 104 33.47 1.22 -3.50
CA THR B 104 34.48 2.09 -4.05
C THR B 104 34.17 3.55 -3.80
N TYR B 105 35.25 4.33 -3.79
CA TYR B 105 35.13 5.77 -3.65
C TYR B 105 34.12 6.45 -4.60
N GLU B 106 34.26 6.25 -5.92
CA GLU B 106 33.45 7.00 -6.89
C GLU B 106 31.94 6.65 -6.77
N LEU B 107 31.67 5.40 -6.37
CA LEU B 107 30.31 4.87 -6.20
C LEU B 107 29.69 5.47 -4.99
N ALA B 108 30.47 5.60 -3.91
CA ALA B 108 29.98 6.34 -2.75
C ALA B 108 29.59 7.77 -3.17
N LEU B 109 30.41 8.41 -4.02
CA LEU B 109 30.12 9.79 -4.39
C LEU B 109 28.87 9.86 -5.25
N GLN B 110 28.70 8.89 -6.17
CA GLN B 110 27.57 8.87 -7.07
C GLN B 110 26.25 8.65 -6.30
N THR B 111 26.25 7.68 -5.40
CA THR B 111 25.09 7.41 -4.56
C THR B 111 24.74 8.56 -3.63
N GLY B 112 25.78 9.16 -3.05
CA GLY B 112 25.66 10.40 -2.28
C GLY B 112 24.81 11.45 -3.00
N LYS B 113 25.10 11.68 -4.29
CA LYS B 113 24.43 12.70 -5.07
C LYS B 113 22.97 12.37 -5.20
N VAL B 114 22.68 11.09 -5.54
CA VAL B 114 21.33 10.58 -5.63
C VAL B 114 20.53 10.78 -4.32
N ILE B 115 21.17 10.56 -3.17
CA ILE B 115 20.55 10.77 -1.87
C ILE B 115 20.21 12.23 -1.67
N GLU B 116 21.17 13.11 -1.96
CA GLU B 116 20.98 14.58 -1.81
C GLU B 116 19.81 15.07 -2.72
N GLN B 117 19.76 14.53 -3.94
CA GLN B 117 18.72 14.91 -4.90
C GLN B 117 17.32 14.36 -4.53
N MET B 118 17.23 13.08 -4.13
CA MET B 118 15.92 12.54 -3.74
C MET B 118 15.43 13.08 -2.42
N GLY B 119 16.35 13.45 -1.54
CA GLY B 119 16.03 14.02 -0.22
C GLY B 119 15.96 15.54 -0.15
N LYS B 120 16.12 16.24 -1.26
CA LYS B 120 16.13 17.69 -1.22
C LYS B 120 14.82 18.33 -0.84
N PHE B 121 13.71 17.59 -0.80
CA PHE B 121 12.51 18.26 -0.29
C PHE B 121 12.31 18.13 1.23
N TYR B 122 13.36 17.72 1.93
CA TYR B 122 13.44 17.72 3.37
C TYR B 122 14.53 18.68 3.76
N PRO B 123 14.21 19.96 3.87
CA PRO B 123 15.15 20.99 4.16
C PRO B 123 16.13 20.60 5.27
N GLU B 124 15.66 19.95 6.33
CA GLU B 124 16.52 19.61 7.49
C GLU B 124 17.60 18.57 7.17
N LEU B 125 17.35 17.73 6.18
CA LEU B 125 18.12 16.53 5.93
C LEU B 125 19.52 16.76 5.39
N LYS B 126 20.50 16.14 6.00
CA LYS B 126 21.90 16.42 5.64
C LYS B 126 22.66 15.13 5.49
N LEU B 127 23.64 15.08 4.58
CA LEU B 127 24.34 13.85 4.29
C LEU B 127 25.83 13.95 4.65
N ALA B 128 26.41 12.97 5.38
CA ALA B 128 27.89 12.93 5.54
C ALA B 128 28.56 11.88 4.68
N TYR B 129 29.76 12.19 4.18
CA TYR B 129 30.53 11.28 3.32
C TYR B 129 31.74 10.70 4.10
N ALA B 130 31.63 9.43 4.47
CA ALA B 130 32.64 8.74 5.27
C ALA B 130 33.46 8.09 4.19
N VAL B 131 34.29 8.92 3.58
CA VAL B 131 35.17 8.54 2.47
C VAL B 131 36.58 9.07 2.74
N ARG B 132 37.55 8.45 2.12
CA ARG B 132 38.90 8.94 2.18
C ARG B 132 38.99 10.39 1.76
N GLY B 133 39.86 11.10 2.45
CA GLY B 133 40.07 12.50 2.16
C GLY B 133 39.44 13.34 3.24
N ASN B 134 38.31 12.87 3.78
CA ASN B 134 37.63 13.61 4.84
C ASN B 134 38.37 13.53 6.18
N LYS B 141 32.16 14.90 16.47
CA LYS B 141 30.91 14.13 16.33
C LYS B 141 29.99 14.63 15.20
N ILE B 142 29.49 13.70 14.40
CA ILE B 142 28.71 13.98 13.19
C ILE B 142 27.22 14.21 13.45
N SER B 143 26.66 15.28 12.92
CA SER B 143 25.27 15.62 13.15
C SER B 143 24.36 15.38 11.94
N GLU B 144 24.89 14.94 10.81
CA GLU B 144 23.98 14.57 9.70
C GLU B 144 23.30 13.25 9.98
N GLN B 145 22.11 13.10 9.40
CA GLN B 145 21.21 11.96 9.65
C GLN B 145 21.54 10.73 8.81
N ILE B 146 22.26 10.94 7.72
CA ILE B 146 22.54 9.86 6.78
C ILE B 146 24.02 9.87 6.49
N VAL B 147 24.63 8.68 6.46
CA VAL B 147 26.03 8.53 6.08
C VAL B 147 26.17 7.59 4.92
N ILE B 148 26.94 8.02 3.93
CA ILE B 148 27.37 7.11 2.85
C ILE B 148 28.90 6.99 2.96
N GLY B 149 29.44 5.77 2.76
CA GLY B 149 30.86 5.64 2.84
C GLY B 149 31.38 4.34 2.31
N THR B 150 32.71 4.24 2.30
CA THR B 150 33.42 3.02 1.94
C THR B 150 33.79 2.28 3.24
N PRO B 151 33.94 0.96 3.17
CA PRO B 151 34.03 0.22 4.49
C PRO B 151 35.19 0.66 5.46
N GLY B 152 36.40 0.93 4.95
CA GLY B 152 37.57 1.34 5.80
C GLY B 152 37.34 2.62 6.65
N THR B 153 36.86 3.68 6.01
CA THR B 153 36.56 4.94 6.70
C THR B 153 35.36 4.80 7.64
N VAL B 154 34.27 4.20 7.15
CA VAL B 154 33.13 3.95 8.00
C VAL B 154 33.51 3.18 9.28
N LEU B 155 34.36 2.14 9.14
CA LEU B 155 34.80 1.41 10.32
C LEU B 155 35.58 2.29 11.30
N ASP B 156 36.50 3.14 10.81
CA ASP B 156 37.20 4.14 11.68
C ASP B 156 36.26 5.13 12.37
N TRP B 157 35.30 5.64 11.61
CA TRP B 157 34.34 6.58 12.11
C TRP B 157 33.50 6.00 13.26
N CYS B 158 33.10 4.75 13.10
CA CYS B 158 32.34 4.02 14.10
C CYS B 158 33.06 3.69 15.42
N SER B 159 34.33 3.27 15.35
CA SER B 159 35.03 2.86 16.58
C SER B 159 36.28 3.60 17.09
N LYS B 160 37.36 3.67 16.30
CA LYS B 160 38.58 4.31 16.78
C LYS B 160 38.39 5.85 16.88
N LEU B 161 37.75 6.46 15.88
CA LEU B 161 37.50 7.90 15.91
C LEU B 161 36.22 8.34 16.66
N LYS B 162 35.25 7.43 16.81
CA LYS B 162 34.00 7.68 17.51
C LYS B 162 33.19 8.85 16.94
N PHE B 163 33.21 9.01 15.62
CA PHE B 163 32.45 10.08 14.98
C PHE B 163 30.97 9.76 14.95
N ILE B 164 30.63 8.47 14.88
CA ILE B 164 29.22 8.04 14.87
C ILE B 164 28.93 6.90 15.87
N ASP B 165 27.76 6.95 16.50
CA ASP B 165 27.39 5.88 17.40
C ASP B 165 26.61 4.82 16.65
N PRO B 166 27.26 3.68 16.38
CA PRO B 166 26.66 2.71 15.48
C PRO B 166 25.36 2.14 16.06
N LYS B 167 25.22 2.25 17.38
CA LYS B 167 24.03 1.76 18.06
C LYS B 167 22.78 2.57 17.75
N LYS B 168 22.93 3.77 17.22
CA LYS B 168 21.79 4.57 16.80
C LYS B 168 21.35 4.36 15.34
N ILE B 169 22.09 3.57 14.56
CA ILE B 169 21.71 3.29 13.18
C ILE B 169 20.47 2.40 13.12
N LYS B 170 19.46 2.78 12.36
CA LYS B 170 18.30 1.92 12.21
C LYS B 170 18.04 1.39 10.80
N VAL B 171 18.80 1.84 9.82
CA VAL B 171 18.74 1.28 8.48
C VAL B 171 20.18 1.07 8.02
N PHE B 172 20.50 -0.15 7.60
CA PHE B 172 21.85 -0.44 7.11
C PHE B 172 21.76 -0.94 5.68
N VAL B 173 22.38 -0.23 4.74
CA VAL B 173 22.31 -0.68 3.33
C VAL B 173 23.63 -1.13 2.80
N LEU B 174 23.64 -2.30 2.18
CA LEU B 174 24.87 -2.72 1.48
C LEU B 174 24.58 -2.70 -0.01
N ASP B 175 25.03 -1.66 -0.72
CA ASP B 175 24.94 -1.74 -2.20
C ASP B 175 25.96 -2.74 -2.73
N GLU B 176 25.77 -3.33 -3.91
CA GLU B 176 26.73 -4.32 -4.43
C GLU B 176 27.03 -5.33 -3.33
N ALA B 177 25.95 -5.84 -2.73
CA ALA B 177 26.03 -6.56 -1.46
C ALA B 177 26.90 -7.82 -1.54
N ASP B 178 26.92 -8.46 -2.70
CA ASP B 178 27.60 -9.77 -2.88
C ASP B 178 29.09 -9.60 -2.81
N VAL B 179 29.64 -8.51 -3.38
CA VAL B 179 31.07 -8.19 -3.15
C VAL B 179 31.35 -7.62 -1.75
N MET B 180 30.37 -6.92 -1.18
CA MET B 180 30.58 -6.38 0.20
C MET B 180 30.73 -7.49 1.23
N ILE B 181 30.01 -8.58 1.01
CA ILE B 181 30.04 -9.68 1.97
C ILE B 181 30.88 -10.88 1.53
N ALA B 182 31.39 -10.90 0.31
CA ALA B 182 32.19 -12.03 -0.09
C ALA B 182 33.61 -11.93 0.50
N THR B 183 34.19 -13.09 0.75
CA THR B 183 35.53 -13.26 1.39
C THR B 183 36.63 -12.57 0.63
N GLN B 184 36.60 -12.73 -0.69
CA GLN B 184 37.50 -12.01 -1.60
C GLN B 184 37.09 -10.52 -1.86
N GLY B 185 35.94 -10.09 -1.36
CA GLY B 185 35.54 -8.69 -1.36
C GLY B 185 35.75 -8.04 0.00
N HIS B 186 34.74 -7.38 0.55
CA HIS B 186 34.90 -6.54 1.77
C HIS B 186 34.36 -7.19 3.05
N GLN B 187 34.21 -8.50 3.03
CA GLN B 187 33.65 -9.22 4.19
C GLN B 187 34.16 -8.77 5.57
N ASP B 188 35.47 -8.72 5.79
CA ASP B 188 35.93 -8.53 7.17
C ASP B 188 35.47 -7.20 7.68
N GLN B 189 35.61 -6.13 6.88
CA GLN B 189 35.22 -4.82 7.35
C GLN B 189 33.70 -4.64 7.45
N SER B 190 32.99 -5.14 6.45
CA SER B 190 31.54 -4.92 6.41
C SER B 190 30.85 -5.71 7.54
N ILE B 191 31.36 -6.89 7.85
CA ILE B 191 30.86 -7.68 8.97
C ILE B 191 31.26 -7.09 10.36
N ARG B 192 32.46 -6.48 10.47
CA ARG B 192 32.83 -5.75 11.69
C ARG B 192 31.90 -4.57 11.94
N ILE B 193 31.47 -3.90 10.85
CA ILE B 193 30.55 -2.77 10.92
C ILE B 193 29.20 -3.30 11.32
N GLN B 194 28.71 -4.34 10.64
CA GLN B 194 27.43 -4.94 10.96
C GLN B 194 27.33 -5.32 12.43
N ARG B 195 28.41 -5.85 12.98
CA ARG B 195 28.41 -6.37 14.34
C ARG B 195 28.18 -5.26 15.36
N MET B 196 28.42 -4.01 14.97
CA MET B 196 28.25 -2.90 15.90
C MET B 196 26.83 -2.31 15.87
N LEU B 197 26.03 -2.72 14.92
CA LEU B 197 24.69 -2.22 14.81
C LEU B 197 23.81 -2.79 15.93
N PRO B 198 22.74 -2.07 16.31
CA PRO B 198 21.82 -2.59 17.29
C PRO B 198 21.02 -3.72 16.65
N ARG B 199 20.30 -4.47 17.46
CA ARG B 199 19.54 -5.63 17.04
C ARG B 199 18.33 -5.28 16.16
N ASN B 200 17.69 -4.14 16.39
CA ASN B 200 16.47 -3.91 15.62
C ASN B 200 16.70 -3.26 14.23
N CYS B 201 17.95 -3.18 13.79
CA CYS B 201 18.36 -2.44 12.60
C CYS B 201 17.88 -3.08 11.30
N GLN B 202 17.29 -2.29 10.41
CA GLN B 202 16.90 -2.87 9.15
C GLN B 202 18.11 -3.06 8.22
N MET B 203 18.21 -4.24 7.61
CA MET B 203 19.28 -4.58 6.71
C MET B 203 18.76 -4.82 5.27
N LEU B 204 19.41 -4.19 4.31
CA LEU B 204 18.95 -4.18 2.93
C LEU B 204 20.17 -4.44 2.09
N LEU B 205 20.14 -5.56 1.37
CA LEU B 205 21.22 -6.01 0.51
C LEU B 205 20.77 -6.02 -0.93
N PHE B 206 21.46 -5.27 -1.79
CA PHE B 206 21.09 -5.16 -3.18
C PHE B 206 22.29 -5.46 -4.07
N SER B 207 22.00 -6.15 -5.18
CA SER B 207 22.96 -6.39 -6.20
C SER B 207 22.31 -7.03 -7.42
N ALA B 208 23.02 -6.88 -8.55
CA ALA B 208 22.70 -7.62 -9.80
C ALA B 208 23.12 -9.08 -9.78
N THR B 209 23.96 -9.51 -8.84
CA THR B 209 24.41 -10.92 -8.77
C THR B 209 24.61 -11.39 -7.35
N PHE B 210 24.37 -12.68 -7.12
CA PHE B 210 24.66 -13.37 -5.91
C PHE B 210 25.06 -14.79 -6.34
N GLU B 211 26.35 -15.07 -6.26
CA GLU B 211 26.87 -16.41 -6.45
C GLU B 211 26.25 -17.33 -5.35
N ASP B 212 26.10 -18.64 -5.66
CA ASP B 212 25.37 -19.60 -4.80
C ASP B 212 25.78 -19.53 -3.32
N SER B 213 27.07 -19.58 -3.10
CA SER B 213 27.52 -19.67 -1.75
C SER B 213 27.33 -18.31 -1.06
N VAL B 214 27.46 -17.23 -1.82
CA VAL B 214 27.24 -15.87 -1.30
C VAL B 214 25.76 -15.65 -0.87
N TRP B 215 24.86 -16.15 -1.69
CA TRP B 215 23.43 -16.12 -1.39
C TRP B 215 23.10 -16.87 -0.09
N LYS B 216 23.72 -18.05 0.07
CA LYS B 216 23.58 -18.87 1.30
C LYS B 216 24.14 -18.14 2.51
N PHE B 217 25.32 -17.55 2.35
CA PHE B 217 25.92 -16.77 3.39
C PHE B 217 25.05 -15.53 3.79
N ALA B 218 24.50 -14.84 2.80
CA ALA B 218 23.69 -13.64 3.07
C ALA B 218 22.47 -14.00 3.93
N GLN B 219 21.85 -15.12 3.63
CA GLN B 219 20.73 -15.58 4.40
C GLN B 219 21.08 -15.94 5.82
N LYS B 220 22.34 -16.21 6.12
CA LYS B 220 22.69 -16.47 7.51
C LYS B 220 23.16 -15.24 8.22
N VAL B 221 23.57 -14.20 7.49
CA VAL B 221 24.04 -12.98 8.21
C VAL B 221 22.94 -11.92 8.32
N VAL B 222 21.90 -12.02 7.51
CA VAL B 222 20.75 -11.15 7.65
C VAL B 222 19.63 -11.95 8.32
N PRO B 223 19.10 -11.46 9.48
CA PRO B 223 17.96 -12.12 10.13
C PRO B 223 16.67 -12.05 9.30
N ASP B 224 16.01 -13.21 9.19
CA ASP B 224 14.67 -13.38 8.63
C ASP B 224 14.43 -12.61 7.37
N PRO B 225 15.19 -12.84 6.33
CA PRO B 225 15.03 -12.01 5.17
C PRO B 225 13.92 -12.36 4.22
N ASN B 226 13.36 -11.34 3.62
CA ASN B 226 12.59 -11.44 2.44
C ASN B 226 13.64 -11.56 1.35
N VAL B 227 13.34 -12.23 0.25
CA VAL B 227 14.30 -12.34 -0.80
C VAL B 227 13.62 -12.13 -2.13
N ILE B 228 14.35 -11.52 -3.04
CA ILE B 228 13.93 -11.36 -4.41
C ILE B 228 15.11 -11.87 -5.22
N LYS B 229 14.86 -12.88 -6.03
CA LYS B 229 15.93 -13.62 -6.66
C LYS B 229 15.60 -13.92 -8.13
N LEU B 230 16.54 -13.65 -9.04
CA LEU B 230 16.34 -13.95 -10.47
C LEU B 230 16.74 -15.40 -10.85
N LYS B 231 16.17 -15.91 -11.91
CA LYS B 231 16.63 -17.13 -12.57
C LYS B 231 17.80 -16.73 -13.42
N ARG B 232 18.72 -17.68 -13.65
CA ARG B 232 19.89 -17.46 -14.51
C ARG B 232 19.56 -16.80 -15.84
N GLU B 233 18.48 -17.26 -16.48
CA GLU B 233 18.08 -16.75 -17.80
C GLU B 233 17.56 -15.31 -17.80
N GLU B 234 17.15 -14.81 -16.62
CA GLU B 234 16.75 -13.42 -16.50
C GLU B 234 17.96 -12.47 -16.20
N GLU B 235 19.14 -13.02 -15.95
CA GLU B 235 20.24 -12.15 -15.48
C GLU B 235 20.82 -11.24 -16.56
N THR B 236 20.87 -11.75 -17.78
CA THR B 236 21.46 -10.99 -18.88
C THR B 236 20.43 -10.20 -19.68
N LEU B 237 20.77 -8.96 -20.03
CA LEU B 237 19.85 -8.13 -20.80
C LEU B 237 20.00 -8.34 -22.32
N ASP B 238 18.87 -8.53 -22.98
CA ASP B 238 18.77 -8.50 -24.42
C ASP B 238 19.28 -7.18 -25.00
N THR B 239 19.18 -6.08 -24.26
CA THR B 239 19.58 -4.79 -24.80
C THR B 239 21.08 -4.61 -25.02
N ILE B 240 21.91 -5.47 -24.43
CA ILE B 240 23.35 -5.39 -24.62
C ILE B 240 23.87 -6.49 -25.56
N LYS B 241 24.36 -6.10 -26.74
CA LYS B 241 24.89 -7.06 -27.69
C LYS B 241 26.33 -7.43 -27.32
N GLN B 242 26.62 -8.71 -27.19
CA GLN B 242 27.95 -9.20 -26.83
C GLN B 242 28.79 -9.79 -27.99
N TYR B 243 30.00 -9.25 -28.20
CA TYR B 243 30.92 -9.77 -29.20
C TYR B 243 32.24 -10.18 -28.64
N TYR B 244 32.97 -10.94 -29.45
CA TYR B 244 34.39 -11.15 -29.19
C TYR B 244 35.25 -10.98 -30.45
N VAL B 245 36.49 -10.55 -30.21
CA VAL B 245 37.52 -10.43 -31.22
C VAL B 245 38.63 -11.43 -30.85
N LEU B 246 39.03 -12.24 -31.83
CA LEU B 246 40.13 -13.18 -31.72
C LEU B 246 41.48 -12.52 -32.03
N CYS B 247 42.43 -12.71 -31.12
CA CYS B 247 43.83 -12.23 -31.25
C CYS B 247 44.80 -13.27 -30.75
N SER B 248 46.08 -12.97 -30.86
CA SER B 248 47.09 -13.90 -30.37
C SER B 248 48.18 -13.19 -29.57
N SER B 249 47.95 -11.92 -29.24
CA SER B 249 48.90 -11.24 -28.41
C SER B 249 48.28 -9.95 -27.95
N ARG B 250 48.91 -9.38 -26.92
CA ARG B 250 48.57 -8.07 -26.45
C ARG B 250 48.57 -7.03 -27.58
N ASP B 251 49.56 -7.11 -28.47
CA ASP B 251 49.74 -6.12 -29.53
C ASP B 251 48.63 -6.22 -30.57
N GLU B 252 48.26 -7.45 -30.91
CA GLU B 252 47.15 -7.66 -31.82
C GLU B 252 45.87 -7.03 -31.24
N LYS B 253 45.59 -7.35 -29.97
CA LYS B 253 44.51 -6.67 -29.23
C LYS B 253 44.57 -5.15 -29.35
N PHE B 254 45.76 -4.56 -29.19
CA PHE B 254 45.89 -3.10 -29.28
C PHE B 254 45.57 -2.61 -30.70
N GLN B 255 46.03 -3.35 -31.70
CA GLN B 255 45.69 -3.06 -33.10
C GLN B 255 44.21 -3.25 -33.37
N ALA B 256 43.63 -4.33 -32.84
CA ALA B 256 42.17 -4.55 -33.01
C ALA B 256 41.40 -3.38 -32.36
N LEU B 257 41.80 -3.05 -31.14
CA LEU B 257 41.26 -1.87 -30.45
C LEU B 257 41.41 -0.56 -31.28
N CYS B 258 42.57 -0.35 -31.88
CA CYS B 258 42.78 0.83 -32.77
C CYS B 258 41.91 0.82 -34.02
N ASN B 259 41.65 -0.38 -34.53
CA ASN B 259 40.81 -0.56 -35.70
C ASN B 259 39.35 -0.22 -35.35
N LEU B 260 38.92 -0.64 -34.16
CA LEU B 260 37.56 -0.41 -33.73
C LEU B 260 37.25 1.00 -33.27
N TYR B 261 38.29 1.82 -33.10
CA TYR B 261 38.21 2.99 -32.26
C TYR B 261 37.20 4.04 -32.67
N GLY B 262 37.13 4.34 -33.97
CA GLY B 262 36.17 5.30 -34.48
C GLY B 262 34.73 4.84 -34.26
N ALA B 263 34.50 3.53 -34.39
CA ALA B 263 33.17 2.99 -34.26
C ALA B 263 32.73 3.10 -32.81
N ILE B 264 33.67 2.94 -31.89
CA ILE B 264 33.35 2.90 -30.47
C ILE B 264 33.25 4.26 -29.82
N THR B 265 33.84 5.25 -30.45
CA THR B 265 33.98 6.58 -29.86
C THR B 265 32.82 7.47 -30.28
N ILE B 266 31.81 6.83 -30.88
CA ILE B 266 30.58 7.52 -31.28
C ILE B 266 29.84 7.95 -30.02
N ALA B 267 29.86 7.06 -29.03
CA ALA B 267 29.24 7.26 -27.73
C ALA B 267 30.34 6.93 -26.75
N GLN B 268 30.29 7.48 -25.54
CA GLN B 268 31.38 7.23 -24.63
C GLN B 268 31.64 5.74 -24.53
N ALA B 269 32.87 5.40 -24.12
CA ALA B 269 33.28 4.00 -23.95
C ALA B 269 34.04 3.84 -22.63
N MET B 270 33.97 2.66 -22.05
CA MET B 270 34.80 2.32 -20.93
C MET B 270 35.60 1.11 -21.38
N ILE B 271 36.89 1.08 -21.07
CA ILE B 271 37.70 -0.06 -21.40
C ILE B 271 38.28 -0.63 -20.12
N PHE B 272 38.14 -1.94 -19.91
CA PHE B 272 38.49 -2.59 -18.63
C PHE B 272 39.79 -3.41 -18.71
N CYS B 273 40.72 -3.18 -17.78
CA CYS B 273 42.00 -3.93 -17.74
C CYS B 273 42.16 -4.72 -16.46
N HIS B 274 42.95 -5.80 -16.54
CA HIS B 274 43.11 -6.74 -15.43
C HIS B 274 43.95 -6.12 -14.31
N THR B 275 44.91 -5.26 -14.64
CA THR B 275 45.81 -4.70 -13.61
C THR B 275 46.01 -3.18 -13.74
N ARG B 276 46.38 -2.51 -12.66
CA ARG B 276 46.67 -1.08 -12.73
C ARG B 276 47.76 -0.79 -13.76
N LYS B 277 48.75 -1.67 -13.89
CA LYS B 277 49.86 -1.33 -14.78
C LYS B 277 49.43 -1.45 -16.28
N THR B 278 48.62 -2.47 -16.59
CA THR B 278 48.02 -2.54 -17.92
C THR B 278 47.18 -1.31 -18.29
N ALA B 279 46.30 -0.90 -17.39
CA ALA B 279 45.43 0.27 -17.66
C ALA B 279 46.31 1.51 -18.03
N SER B 280 47.35 1.78 -17.20
CA SER B 280 48.34 2.79 -17.46
C SER B 280 49.02 2.61 -18.81
N TRP B 281 49.58 1.44 -19.02
CA TRP B 281 50.21 1.16 -20.31
C TRP B 281 49.19 1.43 -21.44
N LEU B 282 47.99 0.87 -21.34
CA LEU B 282 47.07 1.00 -22.46
C LEU B 282 46.72 2.46 -22.65
N ALA B 283 46.61 3.19 -21.54
CA ALA B 283 46.21 4.58 -21.63
C ALA B 283 47.32 5.38 -22.36
N ALA B 284 48.58 5.21 -21.96
CA ALA B 284 49.70 5.88 -22.62
C ALA B 284 49.82 5.51 -24.13
N GLU B 285 49.49 4.26 -24.47
CA GLU B 285 49.62 3.82 -25.87
C GLU B 285 48.57 4.43 -26.72
N LEU B 286 47.33 4.47 -26.22
CA LEU B 286 46.26 5.13 -26.99
C LEU B 286 46.58 6.63 -27.20
N SER B 287 47.23 7.23 -26.21
CA SER B 287 47.46 8.63 -26.33
C SER B 287 48.63 8.91 -27.29
N LYS B 288 49.55 7.96 -27.44
CA LYS B 288 50.59 8.08 -28.50
C LYS B 288 50.01 7.95 -29.90
N GLU B 289 48.81 7.39 -30.01
CA GLU B 289 48.15 7.31 -31.31
C GLU B 289 47.39 8.58 -31.58
N GLY B 290 47.37 9.53 -30.67
CA GLY B 290 46.65 10.76 -30.90
C GLY B 290 45.32 10.81 -30.19
N HIS B 291 44.97 9.76 -29.47
CA HIS B 291 43.66 9.71 -28.78
C HIS B 291 43.63 10.27 -27.36
N GLN B 292 42.61 11.06 -27.05
CA GLN B 292 42.50 11.61 -25.72
C GLN B 292 41.66 10.66 -24.89
N VAL B 293 42.29 10.06 -23.89
CA VAL B 293 41.62 9.13 -22.99
C VAL B 293 41.95 9.53 -21.58
N ALA B 294 41.17 9.04 -20.62
CA ALA B 294 41.32 9.35 -19.19
C ALA B 294 41.60 8.02 -18.50
N LEU B 295 42.66 7.97 -17.70
CA LEU B 295 43.06 6.82 -16.94
C LEU B 295 42.36 6.98 -15.56
N LEU B 296 41.82 5.89 -15.04
CA LEU B 296 41.26 5.94 -13.68
C LEU B 296 41.61 4.62 -13.02
N SER B 297 42.33 4.66 -11.91
CA SER B 297 42.61 3.46 -11.17
C SER B 297 42.84 3.75 -9.71
N GLY B 298 42.82 2.66 -8.92
CA GLY B 298 42.90 2.74 -7.47
C GLY B 298 44.25 3.24 -7.00
N GLU B 299 45.23 3.31 -7.90
CA GLU B 299 46.54 3.84 -7.50
C GLU B 299 46.62 5.39 -7.45
N MET B 300 45.56 6.07 -7.92
CA MET B 300 45.59 7.52 -8.06
C MET B 300 45.09 8.12 -6.76
N MET B 301 45.51 9.34 -6.48
CA MET B 301 44.97 10.05 -5.35
C MET B 301 43.46 10.24 -5.52
N VAL B 302 42.75 10.24 -4.39
CA VAL B 302 41.31 10.41 -4.43
C VAL B 302 40.88 11.71 -5.11
N GLU B 303 41.66 12.80 -4.90
CA GLU B 303 41.43 14.07 -5.60
C GLU B 303 41.51 13.95 -7.11
N GLN B 304 42.44 13.11 -7.60
CA GLN B 304 42.60 12.87 -9.02
C GLN B 304 41.46 11.97 -9.43
N ARG B 305 41.16 10.96 -8.63
CA ARG B 305 40.07 10.09 -8.97
C ARG B 305 38.80 10.89 -9.12
N ALA B 306 38.52 11.79 -8.19
CA ALA B 306 37.24 12.54 -8.23
C ALA B 306 37.18 13.42 -9.47
N ALA B 307 38.30 14.07 -9.78
CA ALA B 307 38.39 14.96 -10.97
C ALA B 307 38.15 14.24 -12.28
N VAL B 308 38.70 13.04 -12.41
CA VAL B 308 38.61 12.30 -13.67
C VAL B 308 37.18 11.79 -13.83
N ILE B 309 36.59 11.18 -12.79
CA ILE B 309 35.21 10.64 -13.01
C ILE B 309 34.21 11.78 -13.35
N GLU B 310 34.45 12.92 -12.78
CA GLU B 310 33.57 14.08 -12.98
C GLU B 310 33.66 14.63 -14.41
N ARG B 311 34.87 14.75 -14.92
CA ARG B 311 35.09 15.15 -16.28
C ARG B 311 34.50 14.14 -17.29
N PHE B 312 34.57 12.84 -16.98
CA PHE B 312 33.95 11.81 -17.84
C PHE B 312 32.41 11.96 -17.85
N ARG B 313 31.81 12.27 -16.70
CA ARG B 313 30.37 12.53 -16.59
C ARG B 313 29.90 13.73 -17.44
N GLU B 314 30.69 14.78 -17.45
CA GLU B 314 30.43 15.98 -18.23
C GLU B 314 30.78 15.80 -19.70
N GLY B 315 31.27 14.64 -20.06
CA GLY B 315 31.66 14.35 -21.43
C GLY B 315 32.89 15.12 -21.89
N LYS B 316 33.65 15.71 -20.97
CA LYS B 316 34.94 16.35 -21.35
C LYS B 316 35.86 15.26 -21.86
N GLU B 317 35.64 14.06 -21.33
CA GLU B 317 36.43 12.89 -21.68
C GLU B 317 35.52 11.87 -22.29
N LYS B 318 35.90 11.30 -23.42
CA LYS B 318 35.09 10.27 -24.14
C LYS B 318 35.39 8.81 -23.80
N VAL B 319 36.66 8.51 -23.55
CA VAL B 319 37.07 7.14 -23.33
C VAL B 319 37.73 7.07 -21.98
N LEU B 320 37.26 6.14 -21.15
CA LEU B 320 37.84 5.90 -19.83
C LEU B 320 38.52 4.52 -19.79
N VAL B 321 39.79 4.50 -19.46
CA VAL B 321 40.55 3.24 -19.41
C VAL B 321 40.70 2.97 -17.92
N THR B 322 40.26 1.78 -17.53
CA THR B 322 40.04 1.54 -16.13
C THR B 322 40.28 0.08 -15.68
N THR B 323 40.40 -0.09 -14.36
CA THR B 323 40.40 -1.41 -13.71
C THR B 323 38.98 -1.76 -13.24
N ASN B 324 38.85 -2.84 -12.45
CA ASN B 324 37.54 -3.19 -11.88
C ASN B 324 37.05 -2.17 -10.86
N VAL B 325 37.86 -1.17 -10.53
CA VAL B 325 37.36 -0.09 -9.69
C VAL B 325 36.05 0.53 -10.24
N CYS B 326 35.84 0.43 -11.56
CA CYS B 326 34.64 0.91 -12.24
C CYS B 326 33.70 -0.15 -12.73
N ALA B 327 33.91 -1.41 -12.32
CA ALA B 327 33.13 -2.54 -12.86
C ALA B 327 31.69 -2.47 -12.37
N ARG B 328 31.51 -2.00 -11.12
CA ARG B 328 30.17 -2.07 -10.49
C ARG B 328 29.51 -0.71 -10.31
N GLY B 329 28.24 -0.65 -10.63
CA GLY B 329 27.41 0.45 -10.16
C GLY B 329 27.55 1.83 -10.83
N ILE B 330 28.72 2.17 -11.40
CA ILE B 330 28.91 3.49 -12.09
C ILE B 330 27.92 3.65 -13.25
N ASP B 331 27.18 4.75 -13.19
CA ASP B 331 26.05 5.05 -14.07
C ASP B 331 26.37 6.29 -14.89
N VAL B 332 26.77 6.11 -16.13
CA VAL B 332 27.04 7.29 -16.99
C VAL B 332 26.27 7.02 -18.28
N GLU B 333 25.26 7.86 -18.49
CA GLU B 333 24.19 7.59 -19.48
C GLU B 333 24.75 7.40 -20.90
N GLN B 334 25.75 8.18 -21.25
CA GLN B 334 26.26 8.19 -22.61
C GLN B 334 27.26 7.05 -22.86
N VAL B 335 27.45 6.14 -21.90
CA VAL B 335 28.34 4.99 -22.14
C VAL B 335 27.67 3.98 -23.00
N SER B 336 28.16 3.87 -24.24
CA SER B 336 27.40 3.10 -25.18
C SER B 336 28.21 1.86 -25.55
N VAL B 337 29.49 1.86 -25.18
CA VAL B 337 30.28 0.66 -25.44
C VAL B 337 31.18 0.30 -24.26
N VAL B 338 31.26 -0.99 -23.96
CA VAL B 338 32.19 -1.48 -22.96
C VAL B 338 33.17 -2.41 -23.64
N ILE B 339 34.48 -2.20 -23.41
CA ILE B 339 35.48 -3.08 -23.92
C ILE B 339 36.18 -3.82 -22.83
N ASN B 340 36.15 -5.14 -22.93
CA ASN B 340 36.97 -5.94 -22.06
C ASN B 340 38.32 -6.20 -22.74
N PHE B 341 39.28 -5.34 -22.43
CA PHE B 341 40.60 -5.48 -22.97
C PHE B 341 41.25 -6.74 -22.42
N ASP B 342 41.07 -7.00 -21.12
CA ASP B 342 41.35 -8.30 -20.49
C ASP B 342 40.02 -8.92 -20.05
N LEU B 343 39.87 -10.25 -20.16
CA LEU B 343 38.65 -10.89 -19.66
C LEU B 343 38.67 -10.91 -18.14
N PRO B 344 37.49 -10.83 -17.52
CA PRO B 344 37.47 -10.78 -16.04
C PRO B 344 37.78 -12.15 -15.41
N VAL B 345 38.84 -12.22 -14.60
CA VAL B 345 39.15 -13.45 -13.93
C VAL B 345 39.31 -13.14 -12.44
N ASP B 346 39.14 -14.14 -11.59
CA ASP B 346 39.26 -13.90 -10.18
C ASP B 346 40.71 -14.02 -9.76
N LYS B 347 40.95 -14.06 -8.45
CA LYS B 347 42.29 -14.09 -7.90
C LYS B 347 43.07 -15.36 -8.30
N ASP B 348 42.37 -16.49 -8.43
CA ASP B 348 42.96 -17.75 -8.91
C ASP B 348 43.09 -17.81 -10.41
N GLY B 349 42.65 -16.77 -11.10
CA GLY B 349 42.62 -16.86 -12.56
C GLY B 349 41.42 -17.58 -13.15
N ASN B 350 40.46 -18.01 -12.33
CA ASN B 350 39.16 -18.53 -12.87
C ASN B 350 38.22 -17.47 -13.54
N PRO B 351 37.30 -17.91 -14.43
CA PRO B 351 36.40 -16.90 -15.03
C PRO B 351 35.60 -16.18 -13.92
N ASP B 352 35.52 -14.85 -13.96
CA ASP B 352 34.69 -14.16 -12.98
C ASP B 352 33.38 -13.79 -13.67
N ASN B 353 32.43 -14.70 -13.58
CA ASN B 353 31.10 -14.49 -14.17
C ASN B 353 30.42 -13.21 -13.69
N GLU B 354 30.53 -12.93 -12.37
CA GLU B 354 29.81 -11.82 -11.76
C GLU B 354 30.37 -10.47 -12.25
N THR B 355 31.68 -10.31 -12.15
CA THR B 355 32.37 -9.19 -12.74
C THR B 355 32.06 -8.94 -14.24
N TYR B 356 32.06 -10.00 -15.03
CA TYR B 356 31.67 -9.91 -16.45
C TYR B 356 30.34 -9.19 -16.53
N LEU B 357 29.40 -9.66 -15.74
CA LEU B 357 28.04 -9.18 -15.87
C LEU B 357 27.93 -7.70 -15.48
N HIS B 358 28.62 -7.31 -14.41
CA HIS B 358 28.67 -5.96 -13.95
C HIS B 358 29.40 -5.08 -14.95
N ARG B 359 30.54 -5.54 -15.47
CA ARG B 359 31.23 -4.74 -16.50
C ARG B 359 30.35 -4.39 -17.73
N ILE B 360 29.70 -5.40 -18.32
CA ILE B 360 28.98 -5.11 -19.57
C ILE B 360 27.77 -4.27 -19.25
N GLY B 361 27.40 -4.31 -17.96
CA GLY B 361 26.26 -3.53 -17.43
C GLY B 361 26.53 -2.04 -17.25
N ARG B 362 27.73 -1.56 -17.51
CA ARG B 362 28.03 -0.12 -17.53
C ARG B 362 27.24 0.60 -18.67
N THR B 363 26.93 -0.15 -19.71
CA THR B 363 26.20 0.30 -20.88
C THR B 363 24.77 -0.28 -20.89
N GLY B 364 23.97 0.13 -21.88
CA GLY B 364 22.52 -0.18 -21.88
C GLY B 364 21.76 0.01 -20.55
N ARG B 365 22.00 1.13 -19.86
CA ARG B 365 21.30 1.48 -18.61
C ARG B 365 19.83 1.93 -18.84
N PHE B 366 18.92 1.40 -18.01
CA PHE B 366 17.50 1.81 -17.98
C PHE B 366 16.88 2.07 -19.38
N GLY B 367 16.85 1.02 -20.20
CA GLY B 367 16.29 1.05 -21.55
C GLY B 367 17.12 1.49 -22.75
N LYS B 368 18.39 1.84 -22.55
CA LYS B 368 19.25 2.09 -23.71
C LYS B 368 19.81 0.78 -24.26
N ARG B 369 20.20 0.76 -25.53
CA ARG B 369 20.98 -0.36 -26.04
C ARG B 369 22.44 -0.13 -25.72
N GLY B 370 23.19 -1.20 -25.60
CA GLY B 370 24.62 -1.07 -25.47
C GLY B 370 25.32 -2.14 -26.22
N LEU B 371 26.62 -2.02 -26.31
CA LEU B 371 27.41 -2.99 -27.03
C LEU B 371 28.57 -3.37 -26.10
N ALA B 372 28.89 -4.66 -26.05
CA ALA B 372 30.08 -5.08 -25.32
C ALA B 372 31.01 -5.95 -26.20
N VAL B 373 32.30 -5.67 -26.21
CA VAL B 373 33.27 -6.42 -27.04
C VAL B 373 34.42 -6.99 -26.19
N ASN B 374 34.55 -8.31 -26.23
CA ASN B 374 35.61 -9.02 -25.52
C ASN B 374 36.85 -9.25 -26.38
N MET B 375 38.04 -8.94 -25.85
CA MET B 375 39.28 -9.23 -26.58
C MET B 375 39.88 -10.53 -26.10
N VAL B 376 39.92 -11.54 -26.97
CA VAL B 376 40.51 -12.87 -26.68
C VAL B 376 41.92 -12.92 -27.27
N ASP B 377 42.93 -13.19 -26.45
CA ASP B 377 44.36 -13.01 -26.82
C ASP B 377 45.15 -14.32 -26.88
N SER B 378 44.48 -15.44 -26.65
CA SER B 378 45.10 -16.75 -26.48
C SER B 378 44.02 -17.79 -26.39
N LYS B 379 44.44 -19.06 -26.33
CA LYS B 379 43.55 -20.20 -26.07
C LYS B 379 42.96 -20.25 -24.65
N HIS B 380 43.79 -20.02 -23.62
CA HIS B 380 43.34 -19.89 -22.25
C HIS B 380 42.17 -18.89 -22.13
N SER B 381 42.37 -17.73 -22.76
CA SER B 381 41.44 -16.63 -22.73
C SER B 381 40.12 -17.03 -23.43
N MET B 382 40.25 -17.72 -24.55
CA MET B 382 39.12 -18.37 -25.17
C MET B 382 38.38 -19.37 -24.25
N ASN B 383 39.12 -20.15 -23.44
CA ASN B 383 38.49 -21.04 -22.44
C ASN B 383 37.61 -20.23 -21.49
N ILE B 384 38.16 -19.13 -20.96
CA ILE B 384 37.44 -18.21 -20.05
C ILE B 384 36.14 -17.75 -20.68
N LEU B 385 36.24 -17.26 -21.91
CA LEU B 385 35.11 -16.72 -22.62
C LEU B 385 34.03 -17.76 -22.86
N ASN B 386 34.48 -18.98 -23.10
CA ASN B 386 33.55 -20.05 -23.29
C ASN B 386 32.86 -20.50 -22.02
N ARG B 387 33.58 -20.47 -20.91
CA ARG B 387 32.92 -20.67 -19.65
C ARG B 387 31.82 -19.60 -19.36
N ILE B 388 32.16 -18.31 -19.50
CA ILE B 388 31.21 -17.21 -19.28
C ILE B 388 29.90 -17.44 -20.04
N GLN B 389 30.04 -17.73 -21.33
CA GLN B 389 28.91 -17.84 -22.25
C GLN B 389 28.10 -19.08 -21.89
N GLU B 390 28.76 -20.10 -21.36
CA GLU B 390 28.05 -21.31 -20.89
C GLU B 390 27.27 -20.99 -19.61
N HIS B 391 27.94 -20.28 -18.68
CA HIS B 391 27.34 -19.90 -17.40
C HIS B 391 26.05 -19.15 -17.60
N PHE B 392 26.05 -18.21 -18.54
CA PHE B 392 24.89 -17.34 -18.77
C PHE B 392 23.92 -17.89 -19.80
N ASN B 393 24.40 -18.81 -20.64
CA ASN B 393 23.61 -19.48 -21.71
C ASN B 393 23.15 -18.45 -22.71
N LYS B 394 24.11 -17.62 -23.11
CA LYS B 394 23.87 -16.51 -24.02
C LYS B 394 25.05 -16.45 -24.98
N LYS B 395 24.76 -16.56 -26.26
CA LYS B 395 25.79 -16.64 -27.31
C LYS B 395 26.47 -15.27 -27.49
N ILE B 396 27.81 -15.27 -27.55
CA ILE B 396 28.59 -14.08 -27.86
C ILE B 396 29.04 -14.20 -29.33
N GLU B 397 28.56 -13.33 -30.21
CA GLU B 397 28.98 -13.36 -31.62
C GLU B 397 30.42 -12.91 -31.92
N ARG B 398 31.11 -13.66 -32.75
CA ARG B 398 32.44 -13.26 -33.23
C ARG B 398 32.36 -12.06 -34.18
N LEU B 399 33.38 -11.21 -34.12
CA LEU B 399 33.39 -9.97 -34.85
C LEU B 399 34.81 -9.77 -35.37
N ASP B 400 34.94 -9.12 -36.52
CA ASP B 400 36.23 -8.92 -37.14
C ASP B 400 36.36 -7.47 -37.59
#